data_2QBY
#
_entry.id   2QBY
#
_cell.length_a   77.649
_cell.length_b   199.143
_cell.length_c   213.405
_cell.angle_alpha   90.00
_cell.angle_beta   90.00
_cell.angle_gamma   90.00
#
_symmetry.space_group_name_H-M   'C 2 2 21'
#
loop_
_entity.id
_entity.type
_entity.pdbx_description
1 polymer 'DNA (33-MER)'
2 polymer 'DNA (33-MER)'
3 polymer 'Cell division control protein 6 homolog 1'
4 polymer 'Cell division control protein 6 homolog 3'
5 non-polymer SPERMIDINE
6 non-polymer 'POTASSIUM ION'
7 non-polymer 'MAGNESIUM ION'
8 non-polymer "ADENOSINE-5'-DIPHOSPHATE"
9 water water
#
loop_
_entity_poly.entity_id
_entity_poly.type
_entity_poly.pdbx_seq_one_letter_code
_entity_poly.pdbx_strand_id
1 'polydeoxyribonucleotide'
;(DA)(DG)(DA)(DT)(DT)(DT)(DT)(DC)(DA)(DG)(DA)(DT)(DG)(DA)(DA)(DA)(DC)(DG)(DT)(DA)
(DG)(DG)(DA)(DA)(DA)(DT)(DT)(DT)(DA)(DC)(DA)(DC)(DT)
;
C
2 'polydeoxyribonucleotide'
;(DT)(DG)(DT)(DA)(DA)(DA)(DT)(DT)(DT)(DC)(DC)(DT)(DA)(DC)(DG)(DT)(DT)(DT)(DC)(DA)
(DT)(DC)(DT)(DG)(DA)(DA)(DA)(DA)(DT)(DC)(DT)(DA)(DG)
;
D
3 'polypeptide(L)'
;GAMSSIFINREYLLPDYIPDELPHREDQIRKIASILAPLYREEKPNNIFIYGLTGTGKTAVVKFVLSKLHKKFLGKFKHV
YINTRQIDTPYRVLADLLESLDVKVPFTGLSIAELYRRLVKAVRDYGSQVVIVLDEIDAFVKKYNDDILYKLSRINSEVN
KSKISFIGITNDVKFVDLLDPRVKSSLSEEEIIFPPYNAEELEDILTKRAQMAFKPGVLPDNVIKLCAALAAREHGDARR
ALDLLRVSGEIAERMKDTKVKEEYVYMAKEEIERDRVRDIILTLPFHSKLVLMAVVSISSEENVVSTTGAVYETYLNICK
KLGVEAVTQRRVSDIINELDMVGILTAKVVNRGRYGKTKEIGLAVDKNIIVRSLIESDSRFADLWS
;
A
4 'polypeptide(L)'
;GAMEVIKNPKVFIDPLSVFKEIPFREDILRDAAIAIRYFVKNEVKFSNLFLGLTGTGKTFVSKYIFNEIEEVKKEDEEYK
DVKQAYVNCREVGGTPQAVLSSLAGKLTGFSVPKHGINLGEYIDKIKNGTRNIRAIIYLDEVDTLVKRRGGDIVLYQLLR
SDANISVIMISNDINVRDYMEPRVLSSLGPSVIFKPYDAEQLKFILSKYAEYGLIKGTYDDEILSYIAAISAKEHGDARK
AVNLLFRAAQLASGGGIIRKEHVDKAIVDYEQERLIEAVKALPFHYKLALRSLIESEDVMSAHKMYTDLCNKFKQKPLSY
RRFSDIISELDMFGIVKIRIINRGRAGGVKKYALVEDKEKVLRALNETFEDSISIGDFDDVGEN
;
B
#
# COMPACT_ATOMS: atom_id res chain seq x y z
N ILE C 6 27.43 -11.35 -11.42
CA ILE C 6 26.84 -10.44 -12.41
C ILE C 6 26.79 -8.93 -12.01
N PHE C 7 26.17 -8.64 -10.87
CA PHE C 7 26.26 -7.33 -10.22
C PHE C 7 27.19 -7.42 -9.02
N ILE C 8 27.53 -6.30 -8.41
CA ILE C 8 28.08 -6.37 -7.07
C ILE C 8 27.45 -5.32 -6.19
N ASN C 9 26.73 -4.41 -6.83
CA ASN C 9 25.72 -3.64 -6.14
C ASN C 9 24.77 -2.97 -7.13
N ARG C 10 23.57 -3.52 -7.25
CA ARG C 10 22.56 -2.94 -8.11
C ARG C 10 22.10 -1.67 -7.46
N GLU C 11 22.27 -1.59 -6.14
CA GLU C 11 21.81 -0.43 -5.37
C GLU C 11 22.36 0.90 -5.91
N TYR C 12 23.51 0.84 -6.58
CA TYR C 12 24.11 2.00 -7.25
C TYR C 12 23.32 2.41 -8.48
N LEU C 13 22.14 1.80 -8.66
CA LEU C 13 21.30 1.97 -9.84
C LEU C 13 19.84 2.29 -9.49
N LEU C 14 19.52 2.23 -8.20
CA LEU C 14 18.20 2.55 -7.70
C LEU C 14 18.02 4.06 -7.73
N PRO C 15 16.81 4.53 -8.04
CA PRO C 15 16.59 5.97 -8.19
C PRO C 15 16.64 6.67 -6.83
N ASP C 16 17.34 6.04 -5.90
CA ASP C 16 17.61 6.63 -4.59
C ASP C 16 19.02 7.16 -4.55
N TYR C 17 19.98 6.23 -4.64
CA TYR C 17 21.39 6.57 -4.50
C TYR C 17 21.73 7.93 -5.11
N ILE C 18 22.62 8.63 -4.43
CA ILE C 18 23.03 9.98 -4.80
C ILE C 18 24.55 9.99 -4.94
N PRO C 19 25.04 10.32 -6.14
CA PRO C 19 26.44 10.27 -6.61
C PRO C 19 27.40 11.41 -6.15
N ASP C 20 28.69 11.21 -6.39
CA ASP C 20 29.71 12.21 -6.05
C ASP C 20 29.60 13.45 -6.89
N GLU C 21 29.27 13.25 -8.16
CA GLU C 21 29.11 14.34 -9.09
C GLU C 21 27.93 14.07 -9.98
N LEU C 22 27.30 15.16 -10.40
CA LEU C 22 26.17 15.14 -11.31
C LEU C 22 26.58 15.83 -12.59
N PRO C 23 27.24 15.07 -13.46
CA PRO C 23 27.69 15.36 -14.82
C PRO C 23 26.66 16.14 -15.64
N HIS C 24 27.08 17.26 -16.19
CA HIS C 24 26.25 18.01 -17.13
C HIS C 24 25.19 18.86 -16.44
N ARG C 25 25.10 18.76 -15.11
CA ARG C 25 24.27 19.67 -14.33
C ARG C 25 25.16 20.70 -13.63
N GLU C 26 26.18 21.15 -14.34
CA GLU C 26 27.23 22.03 -13.83
C GLU C 26 26.72 23.46 -13.69
N ASP C 27 25.93 23.88 -14.67
CA ASP C 27 25.30 25.19 -14.68
C ASP C 27 24.14 25.26 -13.69
N GLN C 28 23.39 24.16 -13.58
CA GLN C 28 22.23 24.10 -12.71
C GLN C 28 22.64 24.16 -11.25
N ILE C 29 23.73 23.48 -10.93
CA ILE C 29 24.29 23.51 -9.58
C ILE C 29 24.86 24.87 -9.23
N ARG C 30 25.69 25.41 -10.13
CA ARG C 30 26.22 26.75 -10.01
C ARG C 30 25.11 27.71 -9.62
N LYS C 31 24.17 27.88 -10.55
CA LYS C 31 23.07 28.83 -10.46
C LYS C 31 22.28 28.75 -9.15
N ILE C 32 22.28 27.58 -8.53
CA ILE C 32 21.50 27.36 -7.33
C ILE C 32 22.29 27.75 -6.10
N ALA C 33 23.41 27.09 -5.89
CA ALA C 33 24.23 27.35 -4.72
C ALA C 33 24.72 28.81 -4.69
N SER C 34 24.66 29.47 -5.83
CA SER C 34 24.96 30.90 -5.90
C SER C 34 23.75 31.69 -5.40
N ILE C 35 22.58 31.15 -5.68
CA ILE C 35 21.32 31.83 -5.42
C ILE C 35 20.72 31.17 -4.20
N LEU C 36 21.55 31.03 -3.18
CA LEU C 36 21.17 30.37 -1.94
C LEU C 36 22.21 30.77 -0.94
N ALA C 37 23.26 31.39 -1.47
CA ALA C 37 24.40 31.85 -0.69
C ALA C 37 24.05 32.63 0.57
N PRO C 38 23.09 33.56 0.49
CA PRO C 38 22.84 34.36 1.67
C PRO C 38 22.69 33.52 2.96
N LEU C 39 22.30 32.27 2.83
CA LEU C 39 22.12 31.41 3.99
C LEU C 39 23.33 31.38 4.93
N TYR C 40 24.50 31.75 4.40
CA TYR C 40 25.75 31.64 5.15
C TYR C 40 25.86 32.69 6.26
N ARG C 41 25.28 33.86 6.02
CA ARG C 41 25.22 34.90 7.03
C ARG C 41 23.82 34.99 7.63
N GLU C 42 23.04 33.93 7.45
CA GLU C 42 21.69 33.87 7.99
C GLU C 42 20.82 34.98 7.42
N GLU C 43 20.54 34.88 6.13
CA GLU C 43 19.79 35.89 5.40
C GLU C 43 18.93 35.21 4.32
N LYS C 44 17.62 35.35 4.41
CA LYS C 44 16.67 34.73 3.48
C LYS C 44 17.07 34.88 2.01
N PRO C 45 17.38 33.75 1.32
CA PRO C 45 17.71 33.72 -0.11
C PRO C 45 16.50 34.02 -0.99
N ASN C 46 16.65 33.85 -2.30
CA ASN C 46 15.51 33.99 -3.19
C ASN C 46 14.84 32.66 -3.48
N ASN C 47 13.52 32.71 -3.58
CA ASN C 47 12.71 31.54 -3.92
C ASN C 47 12.97 31.09 -5.34
N ILE C 48 13.16 29.78 -5.52
CA ILE C 48 13.47 29.24 -6.83
C ILE C 48 12.30 28.42 -7.35
N PHE C 49 12.17 28.38 -8.66
CA PHE C 49 11.12 27.61 -9.29
C PHE C 49 11.74 26.78 -10.39
N ILE C 50 11.82 25.46 -10.18
CA ILE C 50 12.47 24.59 -11.16
C ILE C 50 11.51 23.77 -12.01
N TYR C 51 11.64 23.89 -13.33
CA TYR C 51 10.88 23.03 -14.23
C TYR C 51 11.80 22.38 -15.24
N GLY C 52 11.35 21.23 -15.73
CA GLY C 52 12.08 20.42 -16.68
C GLY C 52 11.34 19.11 -16.75
N LEU C 53 11.56 18.33 -17.80
CA LEU C 53 10.84 17.08 -17.94
C LEU C 53 11.08 16.15 -16.76
N THR C 54 10.71 14.88 -16.91
CA THR C 54 11.02 13.95 -15.84
C THR C 54 12.27 13.17 -16.11
N GLY C 55 13.15 13.16 -15.12
CA GLY C 55 14.45 12.51 -15.21
C GLY C 55 15.48 13.48 -15.73
N THR C 56 15.26 14.77 -15.52
CA THR C 56 16.21 15.75 -16.01
C THR C 56 17.18 16.17 -14.93
N GLY C 57 17.01 15.61 -13.73
CA GLY C 57 17.94 15.87 -12.66
C GLY C 57 17.36 16.70 -11.52
N LYS C 58 16.26 17.37 -11.81
CA LYS C 58 15.60 18.25 -10.86
C LYS C 58 15.75 17.77 -9.41
N THR C 59 15.16 16.63 -9.07
CA THR C 59 15.17 16.20 -7.68
C THR C 59 16.58 15.93 -7.21
N ALA C 60 17.38 15.43 -8.14
CA ALA C 60 18.76 15.04 -7.84
C ALA C 60 19.60 16.23 -7.44
N VAL C 61 19.85 17.12 -8.39
CA VAL C 61 20.58 18.36 -8.12
C VAL C 61 20.20 18.97 -6.78
N VAL C 62 18.93 19.33 -6.60
CA VAL C 62 18.51 20.02 -5.39
C VAL C 62 18.86 19.27 -4.12
N LYS C 63 18.57 17.98 -4.08
CA LYS C 63 18.79 17.20 -2.86
C LYS C 63 20.30 17.13 -2.56
N PHE C 64 21.11 17.38 -3.59
CA PHE C 64 22.56 17.26 -3.52
C PHE C 64 23.22 18.60 -3.17
N VAL C 65 22.73 19.68 -3.77
CA VAL C 65 23.18 21.03 -3.47
C VAL C 65 22.87 21.42 -2.04
N LEU C 66 21.76 20.95 -1.52
CA LEU C 66 21.41 21.22 -0.14
C LEU C 66 22.25 20.37 0.80
N SER C 67 22.72 19.23 0.33
CA SER C 67 23.51 18.40 1.22
C SER C 67 24.92 18.94 1.28
N LYS C 68 25.30 19.69 0.24
CA LYS C 68 26.63 20.29 0.16
C LYS C 68 26.71 21.56 0.96
N LEU C 69 25.71 22.42 0.84
CA LEU C 69 25.66 23.66 1.60
C LEU C 69 25.47 23.36 3.07
N HIS C 70 24.86 22.22 3.37
CA HIS C 70 24.60 21.87 4.74
C HIS C 70 25.88 21.62 5.48
N LYS C 71 26.91 21.24 4.71
CA LYS C 71 28.22 20.89 5.24
C LYS C 71 29.18 22.06 5.07
N LYS C 72 29.18 22.67 3.89
CA LYS C 72 30.03 23.83 3.66
C LYS C 72 29.78 24.89 4.71
N PHE C 73 28.50 25.19 4.91
CA PHE C 73 28.11 26.18 5.91
C PHE C 73 28.11 25.56 7.28
N LEU C 74 27.58 24.35 7.38
CA LEU C 74 27.51 23.70 8.68
C LEU C 74 26.64 24.62 9.54
N GLY C 75 26.39 25.81 9.01
CA GLY C 75 25.76 26.87 9.75
C GLY C 75 24.38 26.44 10.14
N LYS C 76 23.85 27.01 11.22
CA LYS C 76 22.45 26.82 11.51
C LYS C 76 21.73 27.07 10.18
N PHE C 77 20.76 26.20 9.89
CA PHE C 77 20.17 26.12 8.56
C PHE C 77 19.34 24.86 8.48
N LYS C 78 18.06 25.02 8.16
CA LYS C 78 17.19 23.87 8.04
C LYS C 78 16.65 23.81 6.62
N HIS C 79 16.45 22.60 6.13
CA HIS C 79 15.77 22.38 4.86
C HIS C 79 14.92 21.15 5.01
N VAL C 80 13.71 21.21 4.47
CA VAL C 80 12.83 20.04 4.48
C VAL C 80 12.38 19.67 3.08
N TYR C 81 12.77 18.47 2.66
CA TYR C 81 12.38 18.00 1.35
C TYR C 81 11.09 17.25 1.53
N ILE C 82 10.07 17.73 0.83
CA ILE C 82 8.77 17.10 0.84
C ILE C 82 8.25 16.87 -0.58
N ASN C 83 7.92 15.62 -0.85
CA ASN C 83 7.31 15.27 -2.12
C ASN C 83 5.78 15.33 -2.09
N THR C 84 5.22 16.33 -2.77
CA THR C 84 3.78 16.50 -2.84
C THR C 84 3.10 15.26 -3.39
N ARG C 85 3.73 14.59 -4.35
CA ARG C 85 3.19 13.34 -4.86
C ARG C 85 3.03 12.31 -3.77
N GLN C 86 4.11 12.06 -3.03
CA GLN C 86 4.13 11.02 -2.00
C GLN C 86 3.31 11.36 -0.77
N ILE C 87 2.86 12.60 -0.70
CA ILE C 87 2.08 13.06 0.43
C ILE C 87 0.57 12.96 0.16
N ASP C 88 0.10 13.58 -0.92
CA ASP C 88 -1.25 13.30 -1.37
C ASP C 88 -2.32 13.81 -0.40
N THR C 89 -1.98 14.79 0.44
CA THR C 89 -2.97 15.31 1.40
C THR C 89 -2.50 16.54 2.16
N PRO C 90 -3.26 17.65 2.06
CA PRO C 90 -2.88 18.91 2.68
C PRO C 90 -2.55 18.72 4.15
N TYR C 91 -3.24 17.80 4.81
CA TYR C 91 -2.92 17.56 6.20
C TYR C 91 -1.48 17.14 6.29
N ARG C 92 -1.17 15.99 5.71
CA ARG C 92 0.18 15.44 5.82
C ARG C 92 1.29 16.46 5.50
N VAL C 93 1.15 17.22 4.43
CA VAL C 93 2.16 18.24 4.10
C VAL C 93 2.43 19.16 5.29
N LEU C 94 1.37 19.77 5.84
CA LEU C 94 1.51 20.69 6.97
C LEU C 94 1.86 19.98 8.28
N ALA C 95 1.77 18.66 8.31
CA ALA C 95 1.97 17.90 9.53
C ALA C 95 3.44 17.58 9.72
N ASP C 96 4.14 17.46 8.59
CA ASP C 96 5.58 17.26 8.62
C ASP C 96 6.29 18.59 8.78
N LEU C 97 5.90 19.56 7.96
CA LEU C 97 6.33 20.94 8.11
C LEU C 97 6.26 21.43 9.55
N LEU C 98 5.29 20.92 10.30
CA LEU C 98 5.14 21.28 11.69
C LEU C 98 5.85 20.25 12.57
N GLU C 99 6.51 19.27 11.95
CA GLU C 99 7.30 18.30 12.71
C GLU C 99 8.77 18.67 12.59
N SER C 100 9.11 19.31 11.49
CA SER C 100 10.48 19.63 11.15
C SER C 100 10.95 20.82 11.92
N LEU C 101 10.00 21.59 12.43
CA LEU C 101 10.30 22.77 13.21
C LEU C 101 10.26 22.42 14.69
N ASP C 102 10.28 21.12 14.97
CA ASP C 102 10.29 20.60 16.33
C ASP C 102 8.94 20.77 17.02
N VAL C 103 7.88 20.93 16.23
CA VAL C 103 6.51 21.09 16.73
C VAL C 103 5.69 19.80 16.66
N LYS C 104 4.88 19.54 17.68
CA LYS C 104 4.10 18.31 17.68
C LYS C 104 2.61 18.60 17.37
N VAL C 105 2.08 17.86 16.39
CA VAL C 105 0.67 17.94 16.04
C VAL C 105 0.02 16.56 16.17
N PRO C 106 -1.18 16.52 16.76
CA PRO C 106 -1.90 15.24 16.88
C PRO C 106 -2.32 14.77 15.51
N PHE C 107 -2.47 13.46 15.35
CA PHE C 107 -2.81 12.84 14.06
C PHE C 107 -4.15 13.30 13.55
N THR C 108 -5.07 13.54 14.48
CA THR C 108 -6.38 14.06 14.14
C THR C 108 -6.74 15.15 15.15
N GLY C 109 -7.72 15.96 14.79
CA GLY C 109 -8.23 16.95 15.71
C GLY C 109 -8.06 18.36 15.17
N LEU C 110 -7.11 18.54 14.28
CA LEU C 110 -6.84 19.84 13.71
C LEU C 110 -7.39 19.92 12.30
N SER C 111 -7.50 21.13 11.77
CA SER C 111 -8.03 21.28 10.43
C SER C 111 -7.38 22.39 9.66
N ILE C 112 -6.98 22.06 8.43
CA ILE C 112 -6.23 22.95 7.56
C ILE C 112 -6.12 24.36 8.11
N ALA C 113 -7.23 25.07 8.18
CA ALA C 113 -7.21 26.45 8.65
C ALA C 113 -6.35 26.63 9.89
N GLU C 114 -6.68 25.90 10.94
CA GLU C 114 -5.99 26.00 12.22
C GLU C 114 -4.62 25.37 12.11
N LEU C 115 -4.39 24.67 11.00
CA LEU C 115 -3.09 24.09 10.77
C LEU C 115 -2.11 25.17 10.30
N TYR C 116 -2.55 26.06 9.39
CA TYR C 116 -1.70 27.17 8.97
C TYR C 116 -1.42 28.08 10.14
N ARG C 117 -2.39 28.19 11.03
CA ARG C 117 -2.25 28.97 12.24
C ARG C 117 -1.04 28.48 13.02
N ARG C 118 -1.00 27.19 13.32
CA ARG C 118 0.06 26.62 14.12
C ARG C 118 1.41 26.76 13.43
N LEU C 119 1.33 26.84 12.11
CA LEU C 119 2.51 26.93 11.25
C LEU C 119 3.12 28.32 11.25
N VAL C 120 2.28 29.35 11.22
CA VAL C 120 2.78 30.71 11.31
C VAL C 120 3.46 30.92 12.65
N LYS C 121 3.02 30.17 13.67
CA LYS C 121 3.65 30.24 14.98
C LYS C 121 5.02 29.58 14.96
N ALA C 122 5.14 28.46 14.25
CA ALA C 122 6.37 27.69 14.22
C ALA C 122 7.51 28.46 13.56
N VAL C 123 7.13 29.31 12.59
CA VAL C 123 8.08 30.14 11.86
C VAL C 123 8.57 31.32 12.70
N ARG C 124 7.66 32.16 13.17
CA ARG C 124 8.05 33.34 13.92
C ARG C 124 8.75 32.98 15.22
N ASP C 125 8.68 31.70 15.58
CA ASP C 125 9.37 31.23 16.78
C ASP C 125 10.67 30.51 16.42
N TYR C 126 10.93 30.37 15.12
CA TYR C 126 12.10 29.64 14.65
C TYR C 126 13.19 30.63 14.27
N GLY C 127 14.38 30.42 14.83
CA GLY C 127 15.46 31.37 14.69
C GLY C 127 16.43 30.97 13.61
N SER C 128 16.10 29.86 12.94
CA SER C 128 16.94 29.31 11.90
C SER C 128 16.27 29.49 10.54
N GLN C 129 16.92 30.25 9.66
CA GLN C 129 16.46 30.37 8.27
C GLN C 129 16.20 28.98 7.70
N VAL C 130 15.07 28.81 7.04
CA VAL C 130 14.69 27.48 6.58
C VAL C 130 14.24 27.46 5.13
N VAL C 131 14.73 26.48 4.38
CA VAL C 131 14.34 26.29 2.99
C VAL C 131 13.38 25.11 2.82
N ILE C 132 12.20 25.38 2.26
CA ILE C 132 11.22 24.32 2.02
C ILE C 132 11.24 23.84 0.57
N VAL C 133 11.47 22.55 0.39
CA VAL C 133 11.52 21.94 -0.93
C VAL C 133 10.20 21.24 -1.22
N LEU C 134 9.58 21.57 -2.34
CA LEU C 134 8.31 20.96 -2.69
C LEU C 134 8.38 20.31 -4.06
N ASP C 135 8.52 19.00 -4.07
CA ASP C 135 8.82 18.34 -5.31
C ASP C 135 7.52 17.95 -6.00
N GLU C 136 7.48 18.10 -7.31
CA GLU C 136 6.35 17.66 -8.12
C GLU C 136 5.04 18.35 -7.76
N ILE C 137 5.13 19.61 -7.36
CA ILE C 137 3.95 20.36 -6.96
C ILE C 137 2.77 20.09 -7.89
N ASP C 138 3.08 19.75 -9.14
CA ASP C 138 2.05 19.34 -10.10
C ASP C 138 1.03 18.52 -9.36
N ALA C 139 1.47 17.36 -8.90
CA ALA C 139 0.62 16.47 -8.14
C ALA C 139 -0.30 17.21 -7.19
N PHE C 140 0.28 17.93 -6.24
CA PHE C 140 -0.51 18.42 -5.13
C PHE C 140 -1.21 19.76 -5.41
N VAL C 141 -1.19 20.19 -6.66
CA VAL C 141 -1.98 21.35 -7.08
C VAL C 141 -2.99 20.83 -8.10
N LYS C 142 -2.64 19.70 -8.71
CA LYS C 142 -3.53 18.98 -9.61
C LYS C 142 -4.80 18.64 -8.86
N LYS C 143 -4.82 17.50 -8.20
CA LYS C 143 -6.04 17.10 -7.50
C LYS C 143 -6.10 17.62 -6.07
N TYR C 144 -5.68 18.87 -5.89
CA TYR C 144 -6.01 19.66 -4.72
C TYR C 144 -6.08 21.11 -5.17
N ASN C 145 -6.05 22.03 -4.23
CA ASN C 145 -6.18 23.43 -4.58
C ASN C 145 -4.84 24.13 -4.81
N ASP C 146 -4.89 25.21 -5.59
CA ASP C 146 -3.78 26.11 -5.73
C ASP C 146 -3.48 26.69 -4.34
N ASP C 147 -4.53 26.83 -3.54
CA ASP C 147 -4.51 27.54 -2.25
C ASP C 147 -3.21 27.47 -1.46
N ILE C 148 -2.72 26.26 -1.23
CA ILE C 148 -1.54 26.03 -0.40
C ILE C 148 -0.40 27.00 -0.68
N LEU C 149 -0.30 27.43 -1.93
CA LEU C 149 0.71 28.37 -2.36
C LEU C 149 0.49 29.76 -1.78
N TYR C 150 -0.63 30.38 -2.14
CA TYR C 150 -0.93 31.70 -1.60
C TYR C 150 -0.76 31.66 -0.08
N LYS C 151 -1.36 30.66 0.55
CA LYS C 151 -1.40 30.59 2.00
C LYS C 151 -0.02 30.37 2.60
N LEU C 152 0.91 29.88 1.77
CA LEU C 152 2.31 29.68 2.17
C LEU C 152 3.15 30.89 1.80
N SER C 153 2.70 31.58 0.76
CA SER C 153 3.25 32.86 0.36
C SER C 153 2.96 33.86 1.48
N ARG C 154 1.67 34.09 1.73
CA ARG C 154 1.21 35.02 2.76
C ARG C 154 1.82 34.72 4.13
N ILE C 155 2.41 33.53 4.30
CA ILE C 155 2.85 33.08 5.62
C ILE C 155 4.17 33.67 6.09
N ASN C 156 5.21 33.58 5.29
CA ASN C 156 6.45 34.26 5.65
C ASN C 156 6.24 35.77 5.52
N SER C 157 5.30 36.14 4.63
CA SER C 157 5.00 37.53 4.33
C SER C 157 4.30 38.28 5.46
N GLU C 158 3.28 37.65 6.04
CA GLU C 158 2.50 38.31 7.06
C GLU C 158 3.13 38.25 8.47
N VAL C 159 4.28 37.59 8.58
CA VAL C 159 5.17 37.86 9.71
C VAL C 159 6.66 37.71 9.34
N ASN C 160 7.38 38.82 9.44
CA ASN C 160 8.80 38.91 9.11
C ASN C 160 9.65 38.08 10.09
N LYS C 163 11.71 34.55 8.49
CA LYS C 163 11.56 34.25 7.07
C LYS C 163 12.09 32.90 6.59
N ILE C 164 11.31 32.29 5.69
CA ILE C 164 11.64 31.02 5.06
C ILE C 164 11.79 31.22 3.57
N SER C 165 12.33 30.20 2.91
CA SER C 165 12.56 30.27 1.48
C SER C 165 12.14 28.96 0.81
N PHE C 166 11.64 29.06 -0.41
CA PHE C 166 11.01 27.93 -1.08
C PHE C 166 11.73 27.51 -2.36
N ILE C 167 11.58 26.24 -2.69
CA ILE C 167 12.05 25.68 -3.95
C ILE C 167 10.97 24.78 -4.55
N GLY C 168 10.47 25.17 -5.71
CA GLY C 168 9.39 24.46 -6.34
C GLY C 168 9.85 23.72 -7.58
N ILE C 169 9.51 22.45 -7.66
CA ILE C 169 9.94 21.59 -8.76
C ILE C 169 8.73 20.93 -9.41
N THR C 170 8.49 21.26 -10.67
CA THR C 170 7.33 20.75 -11.40
C THR C 170 7.82 20.12 -12.69
N ASN C 171 6.90 19.86 -13.62
CA ASN C 171 7.27 19.15 -14.84
C ASN C 171 6.93 19.83 -16.17
N ASP C 172 5.83 20.58 -16.24
CA ASP C 172 5.46 21.20 -17.51
C ASP C 172 5.38 22.72 -17.48
N VAL C 173 5.71 23.35 -18.61
CA VAL C 173 5.64 24.80 -18.78
C VAL C 173 4.25 25.31 -18.43
N LYS C 174 3.24 24.53 -18.80
CA LYS C 174 1.83 24.88 -18.58
C LYS C 174 1.50 25.19 -17.11
N PHE C 175 2.33 24.72 -16.18
CA PHE C 175 2.04 24.92 -14.78
C PHE C 175 2.27 26.34 -14.28
N VAL C 176 3.28 27.01 -14.82
CA VAL C 176 3.52 28.41 -14.52
C VAL C 176 2.26 29.27 -14.72
N ASP C 177 1.36 28.80 -15.60
CA ASP C 177 0.10 29.51 -15.90
C ASP C 177 -0.91 29.51 -14.75
N LEU C 178 -0.84 28.50 -13.88
CA LEU C 178 -1.79 28.37 -12.79
C LEU C 178 -1.53 29.36 -11.63
N LEU C 179 -0.43 30.10 -11.72
CA LEU C 179 0.00 30.95 -10.62
C LEU C 179 -0.55 32.37 -10.70
N ASP C 180 -1.88 32.48 -10.78
CA ASP C 180 -2.49 33.80 -10.89
C ASP C 180 -1.91 34.83 -9.92
N PRO C 181 -2.02 34.58 -8.60
CA PRO C 181 -1.70 35.65 -7.65
C PRO C 181 -0.20 35.99 -7.63
N ARG C 182 0.25 36.67 -6.58
CA ARG C 182 1.67 36.94 -6.40
C ARG C 182 2.44 35.63 -6.31
N VAL C 183 1.71 34.51 -6.40
CA VAL C 183 2.31 33.18 -6.33
C VAL C 183 3.42 32.99 -7.36
N LYS C 184 3.23 33.55 -8.55
CA LYS C 184 4.25 33.49 -9.59
C LYS C 184 5.28 34.59 -9.37
N SER C 185 4.81 35.79 -9.05
CA SER C 185 5.70 36.94 -8.84
C SER C 185 6.73 36.67 -7.75
N SER C 186 6.34 35.89 -6.76
CA SER C 186 7.19 35.62 -5.59
C SER C 186 7.94 34.29 -5.68
N LEU C 187 7.66 33.52 -6.72
CA LEU C 187 8.37 32.25 -6.88
C LEU C 187 9.32 32.30 -8.06
N SER C 188 8.90 32.94 -9.14
CA SER C 188 9.75 33.07 -10.31
C SER C 188 10.89 34.08 -10.04
N GLU C 189 11.06 34.45 -8.77
CA GLU C 189 12.22 35.21 -8.33
C GLU C 189 13.44 34.63 -9.04
N GLU C 190 13.64 33.33 -8.86
CA GLU C 190 14.66 32.58 -9.57
C GLU C 190 14.02 31.38 -10.27
N GLU C 191 14.33 31.20 -11.55
CA GLU C 191 13.63 30.26 -12.39
C GLU C 191 14.63 29.51 -13.27
N ILE C 192 15.04 28.33 -12.82
CA ILE C 192 15.97 27.50 -13.58
C ILE C 192 15.27 26.49 -14.49
N ILE C 193 15.95 26.10 -15.57
CA ILE C 193 15.43 25.06 -16.45
C ILE C 193 16.41 23.89 -16.54
N PHE C 194 15.85 22.69 -16.52
CA PHE C 194 16.63 21.46 -16.63
C PHE C 194 16.32 20.83 -17.98
N PRO C 195 17.11 21.18 -19.02
CA PRO C 195 16.88 20.59 -20.34
C PRO C 195 17.05 19.07 -20.29
N PRO C 196 16.32 18.32 -21.12
CA PRO C 196 16.57 16.87 -21.19
C PRO C 196 18.00 16.57 -21.58
N TYR C 197 18.52 15.41 -21.22
CA TYR C 197 19.92 15.10 -21.47
C TYR C 197 20.14 14.63 -22.89
N ASN C 198 21.37 14.83 -23.37
CA ASN C 198 21.78 14.28 -24.65
C ASN C 198 22.05 12.81 -24.54
N ALA C 199 21.99 12.11 -25.67
CA ALA C 199 22.40 10.72 -25.66
C ALA C 199 23.84 10.63 -25.15
N GLU C 200 24.71 11.51 -25.64
CA GLU C 200 26.10 11.52 -25.19
C GLU C 200 26.17 11.82 -23.70
N GLU C 201 25.38 12.80 -23.28
CA GLU C 201 25.30 13.13 -21.87
C GLU C 201 24.87 11.89 -21.10
N LEU C 202 23.83 11.23 -21.61
CA LEU C 202 23.27 10.06 -20.98
C LEU C 202 24.24 8.87 -20.95
N GLU C 203 25.22 8.86 -21.83
CA GLU C 203 26.23 7.80 -21.80
C GLU C 203 27.18 8.02 -20.62
N ASP C 204 27.67 9.25 -20.47
CA ASP C 204 28.49 9.63 -19.33
C ASP C 204 27.86 9.23 -18.00
N ILE C 205 26.60 9.60 -17.84
CA ILE C 205 25.86 9.40 -16.60
C ILE C 205 25.73 7.93 -16.26
N LEU C 206 25.56 7.13 -17.32
CA LEU C 206 25.42 5.69 -17.19
C LEU C 206 26.74 5.02 -16.89
N THR C 207 27.79 5.43 -17.56
CA THR C 207 29.09 4.82 -17.29
C THR C 207 29.60 5.09 -15.87
N LYS C 208 29.36 6.31 -15.36
CA LYS C 208 29.90 6.66 -14.05
C LYS C 208 29.18 5.91 -12.94
N ARG C 209 27.98 5.40 -13.24
CA ARG C 209 27.21 4.67 -12.25
C ARG C 209 27.30 3.16 -12.48
N ALA C 210 27.76 2.79 -13.67
CA ALA C 210 27.91 1.39 -14.05
C ALA C 210 29.14 0.76 -13.41
N GLN C 211 30.18 1.56 -13.24
CA GLN C 211 31.44 1.08 -12.75
C GLN C 211 31.38 0.86 -11.25
N MET C 212 30.30 1.28 -10.64
CA MET C 212 30.14 1.02 -9.22
C MET C 212 29.24 -0.18 -9.04
N ALA C 213 28.48 -0.49 -10.07
CA ALA C 213 27.39 -1.46 -9.97
C ALA C 213 27.75 -2.87 -10.39
N PHE C 214 28.28 -3.01 -11.59
CA PHE C 214 28.54 -4.32 -12.19
C PHE C 214 29.85 -4.97 -11.77
N LYS C 215 30.29 -5.93 -12.57
CA LYS C 215 31.46 -6.70 -12.20
C LYS C 215 32.61 -6.52 -13.22
N PRO C 216 33.32 -7.59 -13.64
CA PRO C 216 34.42 -7.22 -14.53
C PRO C 216 33.93 -6.61 -15.84
N GLY C 217 34.35 -7.19 -16.95
CA GLY C 217 33.77 -6.89 -18.24
C GLY C 217 32.46 -7.61 -18.35
N VAL C 218 31.55 -7.31 -17.42
CA VAL C 218 30.24 -7.91 -17.43
C VAL C 218 29.33 -7.14 -18.39
N LEU C 219 29.78 -5.93 -18.75
CA LEU C 219 28.94 -5.00 -19.48
C LEU C 219 29.70 -4.31 -20.62
N PRO C 220 29.39 -4.70 -21.87
CA PRO C 220 30.00 -4.12 -23.08
C PRO C 220 29.74 -2.64 -23.19
N ASP C 221 30.74 -1.89 -23.63
CA ASP C 221 30.51 -0.50 -23.97
C ASP C 221 29.27 -0.37 -24.86
N ASN C 222 29.18 -1.23 -25.87
CA ASN C 222 28.11 -1.18 -26.86
C ASN C 222 26.70 -1.17 -26.25
N VAL C 223 26.56 -1.88 -25.14
CA VAL C 223 25.30 -1.93 -24.40
C VAL C 223 24.88 -0.56 -23.89
N ILE C 224 25.87 0.18 -23.39
CA ILE C 224 25.62 1.47 -22.73
C ILE C 224 25.24 2.55 -23.73
N LYS C 225 25.94 2.59 -24.87
CA LYS C 225 25.64 3.59 -25.91
C LYS C 225 24.20 3.50 -26.45
N LEU C 226 23.67 2.28 -26.55
CA LEU C 226 22.30 2.08 -27.03
C LEU C 226 21.28 2.21 -25.89
N CYS C 227 21.62 1.66 -24.73
CA CYS C 227 20.83 1.89 -23.53
C CYS C 227 20.56 3.37 -23.40
N ALA C 228 21.59 4.18 -23.67
CA ALA C 228 21.48 5.63 -23.62
C ALA C 228 20.62 6.18 -24.74
N ALA C 229 20.93 5.77 -25.96
CA ALA C 229 20.26 6.28 -27.16
C ALA C 229 18.81 5.84 -27.27
N LEU C 230 18.46 4.77 -26.58
CA LEU C 230 17.07 4.35 -26.49
C LEU C 230 16.30 5.40 -25.72
N ALA C 231 16.75 5.68 -24.51
CA ALA C 231 16.05 6.58 -23.59
C ALA C 231 16.15 8.03 -24.05
N ALA C 232 17.25 8.33 -24.75
CA ALA C 232 17.41 9.64 -25.36
C ALA C 232 16.30 9.91 -26.37
N ARG C 233 15.74 8.84 -26.94
CA ARG C 233 14.73 8.99 -27.99
C ARG C 233 13.34 9.20 -27.38
N GLU C 234 13.20 8.84 -26.11
CA GLU C 234 11.95 9.03 -25.40
C GLU C 234 12.07 10.10 -24.32
N HIS C 235 12.41 11.31 -24.77
CA HIS C 235 12.46 12.51 -23.93
C HIS C 235 13.65 12.59 -22.97
N GLY C 236 14.83 12.25 -23.49
CA GLY C 236 16.10 12.39 -22.77
C GLY C 236 16.05 12.07 -21.29
N ASP C 237 15.28 11.04 -20.94
CA ASP C 237 14.98 10.73 -19.54
C ASP C 237 16.11 9.97 -18.88
N ALA C 238 16.61 10.50 -17.76
CA ALA C 238 17.73 9.88 -17.08
C ALA C 238 17.29 8.68 -16.29
N ARG C 239 16.02 8.64 -15.88
CA ARG C 239 15.59 7.51 -15.07
C ARG C 239 15.33 6.30 -15.92
N ARG C 240 14.94 6.52 -17.18
CA ARG C 240 14.82 5.42 -18.14
C ARG C 240 16.17 4.78 -18.35
N ALA C 241 17.12 5.57 -18.82
CA ALA C 241 18.46 5.08 -19.07
C ALA C 241 18.98 4.23 -17.92
N LEU C 242 18.52 4.50 -16.70
CA LEU C 242 19.02 3.76 -15.55
C LEU C 242 18.29 2.45 -15.30
N ASP C 243 16.97 2.48 -15.33
CA ASP C 243 16.18 1.26 -15.22
C ASP C 243 16.54 0.29 -16.35
N LEU C 244 16.38 0.76 -17.59
CA LEU C 244 16.80 0.04 -18.77
C LEU C 244 18.10 -0.76 -18.55
N LEU C 245 19.06 -0.16 -17.86
CA LEU C 245 20.36 -0.76 -17.57
C LEU C 245 20.27 -1.73 -16.41
N ARG C 246 19.72 -1.27 -15.29
CA ARG C 246 19.63 -2.13 -14.12
C ARG C 246 18.94 -3.43 -14.49
N VAL C 247 17.73 -3.30 -15.04
CA VAL C 247 16.92 -4.44 -15.47
C VAL C 247 17.70 -5.33 -16.42
N SER C 248 18.20 -4.73 -17.49
CA SER C 248 19.13 -5.39 -18.39
C SER C 248 20.08 -6.31 -17.62
N GLY C 249 20.63 -5.82 -16.52
CA GLY C 249 21.48 -6.65 -15.69
C GLY C 249 20.71 -7.74 -14.98
N GLU C 250 19.60 -7.36 -14.35
CA GLU C 250 18.77 -8.31 -13.64
C GLU C 250 18.30 -9.44 -14.57
N ILE C 251 18.05 -9.10 -15.83
CA ILE C 251 17.57 -10.04 -16.84
C ILE C 251 18.66 -11.00 -17.25
N ALA C 252 19.87 -10.46 -17.44
CA ALA C 252 21.01 -11.28 -17.78
C ALA C 252 21.45 -12.04 -16.54
N GLU C 253 20.70 -11.86 -15.47
CA GLU C 253 20.98 -12.52 -14.21
C GLU C 253 20.15 -13.79 -14.05
N ARG C 254 18.85 -13.68 -14.34
CA ARG C 254 17.93 -14.80 -14.25
C ARG C 254 18.18 -15.78 -15.40
N MET C 255 18.76 -15.25 -16.46
CA MET C 255 19.28 -16.08 -17.53
C MET C 255 20.71 -16.48 -17.19
N LYS C 256 20.97 -16.64 -15.89
CA LYS C 256 22.21 -17.18 -15.37
C LYS C 256 23.38 -17.17 -16.33
N ASP C 257 23.87 -15.98 -16.69
CA ASP C 257 25.19 -15.87 -17.32
C ASP C 257 25.84 -14.60 -16.82
N THR C 258 27.17 -14.54 -16.87
CA THR C 258 27.86 -13.40 -16.28
C THR C 258 28.31 -12.37 -17.31
N LYS C 259 27.40 -12.02 -18.21
CA LYS C 259 27.61 -10.92 -19.15
C LYS C 259 26.27 -10.29 -19.50
N VAL C 260 26.32 -9.27 -20.35
CA VAL C 260 25.11 -8.60 -20.75
C VAL C 260 25.14 -8.49 -22.29
N LYS C 261 23.96 -8.60 -22.91
CA LYS C 261 23.89 -8.57 -24.36
C LYS C 261 22.92 -7.50 -24.82
N GLU C 262 23.21 -6.86 -25.94
CA GLU C 262 22.25 -5.96 -26.57
C GLU C 262 20.85 -6.58 -26.55
N GLU C 263 20.76 -7.88 -26.77
CA GLU C 263 19.48 -8.58 -26.76
C GLU C 263 18.74 -8.40 -25.44
N TYR C 264 19.50 -8.25 -24.35
CA TYR C 264 18.92 -8.06 -23.03
C TYR C 264 18.23 -6.71 -22.84
N VAL C 265 18.76 -5.67 -23.49
CA VAL C 265 18.24 -4.31 -23.33
C VAL C 265 16.89 -4.12 -24.01
N TYR C 266 16.79 -4.61 -25.25
CA TYR C 266 15.52 -4.57 -25.95
C TYR C 266 14.55 -5.36 -25.12
N MET C 267 15.06 -6.42 -24.52
CA MET C 267 14.26 -7.28 -23.69
C MET C 267 13.71 -6.48 -22.54
N ALA C 268 14.62 -5.82 -21.82
CA ALA C 268 14.22 -4.93 -20.73
C ALA C 268 13.12 -3.96 -21.17
N LYS C 269 13.39 -3.17 -22.20
CA LYS C 269 12.46 -2.15 -22.63
C LYS C 269 11.01 -2.61 -22.59
N GLU C 270 10.74 -3.72 -23.28
CA GLU C 270 9.39 -4.28 -23.34
C GLU C 270 8.93 -4.63 -21.93
N GLU C 271 9.74 -5.43 -21.25
CA GLU C 271 9.40 -5.83 -19.90
C GLU C 271 8.93 -4.64 -19.08
N ILE C 272 9.60 -3.50 -19.24
CA ILE C 272 9.26 -2.27 -18.52
C ILE C 272 7.88 -1.72 -18.89
N GLU C 273 7.60 -1.67 -20.18
CA GLU C 273 6.26 -1.35 -20.59
C GLU C 273 5.29 -2.22 -19.82
N ARG C 274 5.35 -3.53 -20.06
CA ARG C 274 4.44 -4.50 -19.44
C ARG C 274 3.95 -4.03 -18.09
N ASP C 275 4.90 -3.65 -17.23
CA ASP C 275 4.60 -3.34 -15.84
C ASP C 275 4.06 -1.92 -15.68
N ARG C 276 4.62 -0.96 -16.42
CA ARG C 276 4.04 0.36 -16.48
C ARG C 276 2.54 0.24 -16.78
N VAL C 277 2.20 -0.49 -17.83
CA VAL C 277 0.84 -0.54 -18.33
C VAL C 277 -0.04 -1.43 -17.46
N ARG C 278 0.51 -2.57 -17.03
CA ARG C 278 -0.22 -3.50 -16.18
C ARG C 278 -0.68 -2.80 -14.91
N ASP C 279 0.22 -2.01 -14.33
CA ASP C 279 -0.14 -1.21 -13.18
C ASP C 279 -1.29 -0.29 -13.58
N ILE C 280 -1.07 0.51 -14.61
CA ILE C 280 -2.05 1.51 -15.01
C ILE C 280 -3.42 0.89 -15.24
N ILE C 281 -3.43 -0.14 -16.07
CA ILE C 281 -4.64 -0.80 -16.52
C ILE C 281 -5.42 -1.40 -15.35
N LEU C 282 -4.69 -1.87 -14.34
CA LEU C 282 -5.31 -2.46 -13.16
C LEU C 282 -6.12 -1.41 -12.38
N THR C 283 -5.52 -0.25 -12.17
CA THR C 283 -6.19 0.87 -11.52
C THR C 283 -6.97 1.70 -12.54
N LEU C 284 -7.79 1.04 -13.34
CA LEU C 284 -8.64 1.74 -14.29
C LEU C 284 -10.10 1.52 -13.94
N PRO C 285 -10.91 2.58 -14.06
CA PRO C 285 -12.35 2.49 -13.80
C PRO C 285 -12.94 1.33 -14.57
N PHE C 286 -13.78 0.54 -13.92
CA PHE C 286 -14.47 -0.55 -14.58
C PHE C 286 -14.92 -0.14 -15.97
N HIS C 287 -15.35 1.10 -16.10
CA HIS C 287 -15.86 1.57 -17.38
C HIS C 287 -14.78 1.92 -18.38
N SER C 288 -13.62 2.31 -17.87
CA SER C 288 -12.50 2.68 -18.70
C SER C 288 -11.83 1.42 -19.19
N LYS C 289 -11.70 0.45 -18.29
CA LYS C 289 -11.26 -0.87 -18.69
C LYS C 289 -12.15 -1.33 -19.84
N LEU C 290 -13.42 -0.97 -19.77
CA LEU C 290 -14.42 -1.46 -20.71
C LEU C 290 -14.23 -0.91 -22.12
N VAL C 291 -14.11 0.41 -22.25
CA VAL C 291 -13.89 1.03 -23.55
C VAL C 291 -12.63 0.50 -24.21
N LEU C 292 -11.63 0.21 -23.38
CA LEU C 292 -10.35 -0.28 -23.87
C LEU C 292 -10.52 -1.67 -24.45
N MET C 293 -11.25 -2.50 -23.71
CA MET C 293 -11.51 -3.88 -24.10
C MET C 293 -12.08 -4.02 -25.51
N ALA C 294 -13.01 -3.14 -25.83
CA ALA C 294 -13.62 -3.14 -27.15
C ALA C 294 -12.54 -2.87 -28.19
N VAL C 295 -11.78 -1.80 -27.98
CA VAL C 295 -10.75 -1.38 -28.91
C VAL C 295 -9.83 -2.54 -29.23
N VAL C 296 -9.78 -3.48 -28.30
CA VAL C 296 -8.95 -4.66 -28.45
C VAL C 296 -9.57 -5.59 -29.48
N SER C 297 -10.83 -5.96 -29.24
CA SER C 297 -11.51 -6.93 -30.11
C SER C 297 -11.69 -6.43 -31.55
N ILE C 298 -11.41 -5.14 -31.76
CA ILE C 298 -11.49 -4.48 -33.07
C ILE C 298 -10.13 -4.35 -33.81
N SER C 299 -9.05 -4.02 -33.08
CA SER C 299 -7.68 -3.89 -33.66
C SER C 299 -7.62 -3.38 -35.12
N VAL C 305 -6.69 0.88 -35.57
CA VAL C 305 -6.89 1.56 -36.84
C VAL C 305 -8.41 1.59 -37.09
N SER C 306 -9.13 1.98 -36.04
CA SER C 306 -10.59 2.09 -36.07
C SER C 306 -11.12 3.48 -35.64
N THR C 307 -12.44 3.61 -35.62
CA THR C 307 -13.09 4.90 -35.44
C THR C 307 -13.93 4.92 -34.17
N THR C 308 -13.94 6.06 -33.48
CA THR C 308 -14.72 6.23 -32.25
C THR C 308 -16.08 5.54 -32.33
N GLY C 309 -16.72 5.64 -33.49
CA GLY C 309 -18.01 5.00 -33.70
C GLY C 309 -17.98 3.50 -33.47
N ALA C 310 -17.15 2.81 -34.24
CA ALA C 310 -17.08 1.35 -34.16
C ALA C 310 -16.79 0.91 -32.73
N VAL C 311 -16.07 1.77 -32.00
CA VAL C 311 -15.64 1.54 -30.62
C VAL C 311 -16.82 1.55 -29.66
N TYR C 312 -17.61 2.63 -29.70
CA TYR C 312 -18.81 2.72 -28.88
C TYR C 312 -19.68 1.53 -29.21
N GLU C 313 -19.72 1.15 -30.48
CA GLU C 313 -20.52 0.02 -30.91
C GLU C 313 -20.14 -1.24 -30.17
N THR C 314 -18.91 -1.67 -30.35
CA THR C 314 -18.43 -2.86 -29.67
C THR C 314 -18.37 -2.67 -28.14
N TYR C 315 -18.43 -1.42 -27.69
CA TYR C 315 -18.59 -1.11 -26.27
C TYR C 315 -19.97 -1.56 -25.76
N LEU C 316 -21.03 -1.12 -26.42
CA LEU C 316 -22.39 -1.51 -26.03
C LEU C 316 -22.54 -3.03 -26.05
N ASN C 317 -21.81 -3.66 -26.95
CA ASN C 317 -21.87 -5.10 -27.14
C ASN C 317 -21.43 -5.87 -25.91
N ILE C 318 -20.37 -5.37 -25.26
CA ILE C 318 -19.81 -6.04 -24.09
C ILE C 318 -20.61 -5.72 -22.83
N CYS C 319 -21.12 -4.49 -22.75
CA CYS C 319 -22.03 -4.15 -21.67
C CYS C 319 -23.24 -5.07 -21.75
N LYS C 320 -23.60 -5.45 -22.98
CA LYS C 320 -24.75 -6.32 -23.18
C LYS C 320 -24.43 -7.78 -22.83
N LYS C 321 -23.32 -8.28 -23.34
CA LYS C 321 -22.89 -9.65 -23.05
C LYS C 321 -22.58 -9.82 -21.56
N LEU C 322 -22.53 -8.70 -20.83
CA LEU C 322 -22.09 -8.69 -19.45
C LEU C 322 -23.18 -8.29 -18.46
N GLY C 323 -24.24 -7.68 -18.96
CA GLY C 323 -25.31 -7.21 -18.09
C GLY C 323 -24.79 -6.08 -17.23
N VAL C 324 -24.33 -5.02 -17.89
CA VAL C 324 -23.82 -3.86 -17.19
C VAL C 324 -24.10 -2.62 -18.01
N GLU C 325 -25.11 -1.86 -17.61
CA GLU C 325 -25.63 -0.78 -18.44
C GLU C 325 -24.51 0.04 -19.02
N ALA C 326 -24.71 0.50 -20.25
CA ALA C 326 -23.67 1.20 -20.99
C ALA C 326 -23.38 2.57 -20.42
N VAL C 327 -23.01 3.49 -21.29
CA VAL C 327 -22.66 4.83 -20.86
C VAL C 327 -22.87 5.69 -22.08
N THR C 328 -22.90 7.00 -21.92
CA THR C 328 -23.13 7.86 -23.08
C THR C 328 -22.01 7.70 -24.07
N GLN C 329 -22.32 7.88 -25.35
CA GLN C 329 -21.25 7.95 -26.33
C GLN C 329 -20.38 9.15 -26.01
N ARG C 330 -20.99 10.17 -25.42
CA ARG C 330 -20.29 11.41 -25.03
C ARG C 330 -19.16 11.15 -24.01
N ARG C 331 -19.40 10.22 -23.09
CA ARG C 331 -18.41 9.85 -22.09
C ARG C 331 -17.34 9.00 -22.74
N VAL C 332 -17.74 8.20 -23.73
CA VAL C 332 -16.80 7.33 -24.43
C VAL C 332 -15.88 8.15 -25.37
N SER C 333 -16.38 9.26 -25.91
CA SER C 333 -15.56 10.09 -26.81
C SER C 333 -14.33 10.67 -26.13
N ASP C 334 -14.44 10.82 -24.81
CA ASP C 334 -13.36 11.34 -23.97
C ASP C 334 -12.65 10.22 -23.22
N ILE C 335 -13.40 9.24 -22.72
CA ILE C 335 -12.74 8.10 -22.09
C ILE C 335 -11.67 7.58 -23.04
N ILE C 336 -11.87 7.78 -24.34
CA ILE C 336 -10.85 7.42 -25.30
C ILE C 336 -9.60 8.28 -25.08
N ASN C 337 -9.74 9.59 -25.30
CA ASN C 337 -8.64 10.54 -25.12
C ASN C 337 -7.88 10.26 -23.85
N GLU C 338 -8.62 9.97 -22.78
CA GLU C 338 -8.02 9.69 -21.49
C GLU C 338 -7.03 8.52 -21.58
N LEU C 339 -7.37 7.51 -22.36
CA LEU C 339 -6.49 6.37 -22.55
C LEU C 339 -5.34 6.75 -23.47
N ASP C 340 -5.50 7.87 -24.18
CA ASP C 340 -4.42 8.40 -25.00
C ASP C 340 -3.32 8.91 -24.08
N MET C 341 -3.69 9.72 -23.09
CA MET C 341 -2.72 10.26 -22.14
C MET C 341 -1.95 9.17 -21.44
N VAL C 342 -2.68 8.16 -20.97
CA VAL C 342 -2.03 7.05 -20.28
C VAL C 342 -1.06 6.31 -21.20
N GLY C 343 -1.28 6.45 -22.50
CA GLY C 343 -0.36 5.87 -23.46
C GLY C 343 -0.68 4.43 -23.78
N ILE C 344 -1.90 4.02 -23.45
CA ILE C 344 -2.36 2.68 -23.84
C ILE C 344 -2.98 2.70 -25.25
N LEU C 345 -3.78 3.72 -25.54
CA LEU C 345 -4.34 3.91 -26.87
C LEU C 345 -3.70 5.11 -27.55
N THR C 346 -3.84 5.18 -28.88
CA THR C 346 -3.49 6.37 -29.64
C THR C 346 -4.66 6.84 -30.48
N ALA C 347 -5.16 8.02 -30.18
CA ALA C 347 -6.31 8.56 -30.88
C ALA C 347 -6.06 9.97 -31.38
N LYS C 348 -6.33 10.16 -32.67
CA LYS C 348 -6.09 11.42 -33.35
C LYS C 348 -7.41 11.92 -33.96
N VAL C 349 -7.60 13.23 -33.97
CA VAL C 349 -8.80 13.81 -34.58
C VAL C 349 -8.57 14.06 -36.06
N VAL C 350 -8.97 13.11 -36.90
CA VAL C 350 -8.78 13.25 -38.34
C VAL C 350 -9.95 14.03 -38.96
N ASN C 351 -9.76 14.56 -40.17
CA ASN C 351 -10.80 15.32 -40.85
C ASN C 351 -10.99 14.85 -42.27
N ARG C 352 -12.07 14.11 -42.51
CA ARG C 352 -12.25 13.44 -43.78
C ARG C 352 -13.55 13.78 -44.51
N GLY C 353 -13.59 14.98 -45.09
CA GLY C 353 -14.73 15.43 -45.88
C GLY C 353 -16.06 14.78 -45.57
N ARG C 354 -16.34 13.64 -46.22
CA ARG C 354 -17.64 13.00 -46.08
C ARG C 354 -17.62 11.71 -45.24
N TYR C 355 -16.44 11.37 -44.73
CA TYR C 355 -16.33 10.30 -43.73
C TYR C 355 -16.25 10.89 -42.32
N GLY C 356 -16.66 12.15 -42.20
CA GLY C 356 -16.79 12.80 -40.91
C GLY C 356 -15.50 13.07 -40.14
N LYS C 357 -15.67 13.50 -38.88
CA LYS C 357 -14.55 13.89 -38.03
C LYS C 357 -14.44 12.96 -36.83
N THR C 358 -13.57 11.96 -36.93
CA THR C 358 -13.47 10.91 -35.92
C THR C 358 -12.21 11.01 -35.08
N LYS C 359 -12.05 10.04 -34.19
CA LYS C 359 -10.75 9.77 -33.61
C LYS C 359 -10.27 8.45 -34.18
N GLU C 360 -9.27 8.54 -35.05
CA GLU C 360 -8.56 7.37 -35.51
C GLU C 360 -7.89 6.77 -34.29
N ILE C 361 -8.30 5.57 -33.91
CA ILE C 361 -7.89 4.99 -32.65
C ILE C 361 -7.15 3.67 -32.83
N GLY C 362 -6.08 3.49 -32.08
CA GLY C 362 -5.23 2.31 -32.19
C GLY C 362 -4.46 2.06 -30.92
N LEU C 363 -3.88 0.87 -30.83
CA LEU C 363 -3.19 0.41 -29.62
C LEU C 363 -1.72 0.85 -29.60
N ALA C 364 -1.28 1.48 -28.51
CA ALA C 364 0.12 1.85 -28.38
C ALA C 364 0.91 0.69 -27.80
N VAL C 365 0.33 0.09 -26.77
CA VAL C 365 0.92 -1.04 -26.08
C VAL C 365 0.69 -2.32 -26.88
N ASP C 366 1.33 -3.41 -26.45
CA ASP C 366 1.08 -4.72 -27.03
C ASP C 366 -0.34 -5.17 -26.72
N LYS C 367 -0.81 -6.17 -27.46
CA LYS C 367 -2.16 -6.67 -27.28
C LYS C 367 -2.30 -7.64 -26.09
N ASN C 368 -1.26 -8.42 -25.81
CA ASN C 368 -1.31 -9.44 -24.75
C ASN C 368 -1.29 -8.86 -23.36
N ILE C 369 -0.33 -7.96 -23.15
CA ILE C 369 -0.13 -7.29 -21.88
C ILE C 369 -1.39 -6.53 -21.54
N ILE C 370 -2.13 -6.19 -22.58
CA ILE C 370 -3.34 -5.41 -22.43
C ILE C 370 -4.49 -6.30 -21.97
N VAL C 371 -4.43 -7.60 -22.26
CA VAL C 371 -5.52 -8.50 -21.86
C VAL C 371 -5.20 -9.32 -20.63
N ARG C 372 -3.99 -9.86 -20.55
CA ARG C 372 -3.62 -10.68 -19.42
C ARG C 372 -3.90 -9.94 -18.11
N SER C 373 -3.49 -8.68 -18.08
CA SER C 373 -3.72 -7.79 -16.95
C SER C 373 -5.21 -7.46 -16.86
N LEU C 374 -5.78 -7.12 -18.02
CA LEU C 374 -7.19 -6.84 -18.11
C LEU C 374 -7.98 -7.91 -17.36
N ILE C 375 -7.61 -9.17 -17.57
CA ILE C 375 -8.30 -10.29 -16.93
C ILE C 375 -7.91 -10.37 -15.46
N GLU C 376 -6.69 -9.96 -15.16
CA GLU C 376 -6.19 -9.89 -13.79
C GLU C 376 -7.16 -9.17 -12.85
N SER C 377 -8.08 -8.38 -13.42
CA SER C 377 -9.07 -7.68 -12.61
C SER C 377 -10.50 -8.25 -12.70
N ASP C 378 -10.83 -9.00 -13.76
CA ASP C 378 -12.19 -9.55 -13.94
C ASP C 378 -12.29 -10.84 -14.76
N LYS D 7 -11.37 -37.88 16.28
CA LYS D 7 -12.22 -38.36 17.35
C LYS D 7 -11.54 -38.24 18.73
N ASN D 8 -10.57 -37.34 18.85
CA ASN D 8 -9.90 -36.98 20.12
C ASN D 8 -9.56 -35.49 20.21
N PRO D 9 -10.59 -34.62 20.05
CA PRO D 9 -10.49 -33.15 19.97
C PRO D 9 -9.72 -32.49 21.10
N LYS D 10 -8.56 -31.94 20.76
CA LYS D 10 -7.70 -31.24 21.68
C LYS D 10 -6.74 -30.58 20.71
N VAL D 11 -6.51 -31.33 19.64
CA VAL D 11 -5.63 -30.97 18.55
C VAL D 11 -6.28 -29.93 17.64
N PHE D 12 -7.61 -29.96 17.55
CA PHE D 12 -8.32 -29.22 16.52
C PHE D 12 -8.73 -27.81 16.93
N ILE D 13 -8.43 -27.44 18.17
CA ILE D 13 -8.70 -26.08 18.62
C ILE D 13 -7.53 -25.49 19.40
N ASP D 14 -6.57 -26.32 19.75
CA ASP D 14 -5.34 -25.79 20.31
C ASP D 14 -4.11 -26.52 19.79
N PRO D 15 -3.84 -26.36 18.49
CA PRO D 15 -2.66 -26.99 17.88
C PRO D 15 -1.34 -26.65 18.59
N LEU D 16 -1.22 -25.41 19.08
CA LEU D 16 0.03 -24.94 19.71
C LEU D 16 0.39 -25.78 20.93
N SER D 17 -0.58 -26.54 21.42
CA SER D 17 -0.42 -27.37 22.60
C SER D 17 0.03 -28.76 22.20
N VAL D 18 -0.50 -29.23 21.08
CA VAL D 18 -0.13 -30.55 20.58
C VAL D 18 1.16 -30.50 19.77
N PHE D 19 1.07 -29.87 18.60
CA PHE D 19 2.21 -29.71 17.70
C PHE D 19 3.44 -29.16 18.42
N LYS D 20 4.56 -29.87 18.37
CA LYS D 20 5.80 -29.31 18.91
C LYS D 20 6.66 -28.81 17.74
N GLU D 21 6.10 -28.90 16.53
CA GLU D 21 6.72 -28.32 15.36
C GLU D 21 5.74 -27.97 14.25
N ILE D 22 6.16 -27.06 13.36
CA ILE D 22 5.30 -26.58 12.29
C ILE D 22 5.84 -26.97 10.92
N PRO D 23 5.28 -28.04 10.33
CA PRO D 23 5.72 -28.58 9.04
C PRO D 23 5.75 -27.57 7.91
N PHE D 24 6.93 -27.40 7.31
CA PHE D 24 7.10 -26.55 6.15
C PHE D 24 7.29 -25.08 6.52
N ARG D 25 7.64 -24.82 7.77
CA ARG D 25 7.90 -23.47 8.23
C ARG D 25 9.17 -23.44 9.08
N GLU D 26 10.03 -24.43 8.91
CA GLU D 26 11.19 -24.58 9.78
C GLU D 26 12.16 -23.44 9.60
N ASP D 27 12.33 -23.05 8.35
CA ASP D 27 13.24 -21.99 7.99
C ASP D 27 12.79 -20.70 8.63
N ILE D 28 11.48 -20.46 8.59
CA ILE D 28 10.90 -19.26 9.18
C ILE D 28 11.20 -19.23 10.67
N LEU D 29 10.88 -20.33 11.34
CA LEU D 29 11.08 -20.48 12.77
C LEU D 29 12.55 -20.33 13.21
N ARG D 30 13.47 -20.91 12.46
CA ARG D 30 14.88 -20.84 12.83
C ARG D 30 15.35 -19.40 12.69
N ASP D 31 15.13 -18.84 11.50
CA ASP D 31 15.67 -17.52 11.16
C ASP D 31 15.31 -16.49 12.23
N ALA D 32 14.15 -16.69 12.86
CA ALA D 32 13.64 -15.84 13.93
C ALA D 32 14.40 -16.02 15.24
N ALA D 33 14.44 -17.26 15.73
CA ALA D 33 15.13 -17.56 16.99
C ALA D 33 16.61 -17.15 16.92
N ILE D 34 17.15 -17.17 15.71
CA ILE D 34 18.47 -16.62 15.44
C ILE D 34 18.45 -15.12 15.71
N ALA D 35 17.64 -14.38 14.96
CA ALA D 35 17.59 -12.92 15.08
C ALA D 35 17.39 -12.48 16.53
N ILE D 36 16.68 -13.31 17.29
CA ILE D 36 16.38 -13.04 18.70
C ILE D 36 17.56 -13.30 19.64
N ARG D 37 18.22 -14.44 19.45
CA ARG D 37 19.41 -14.73 20.21
C ARG D 37 20.44 -13.62 19.96
N TYR D 38 20.49 -13.09 18.74
CA TYR D 38 21.39 -11.98 18.43
C TYR D 38 20.92 -10.67 19.04
N PHE D 39 19.65 -10.63 19.46
CA PHE D 39 19.11 -9.48 20.14
C PHE D 39 19.53 -9.51 21.60
N VAL D 40 19.39 -10.68 22.21
CA VAL D 40 19.72 -10.88 23.61
C VAL D 40 21.22 -10.92 23.89
N LYS D 41 21.99 -11.50 22.98
CA LYS D 41 23.42 -11.64 23.22
C LYS D 41 24.22 -10.54 22.52
N ASN D 42 23.56 -9.85 21.59
CA ASN D 42 24.21 -8.78 20.83
C ASN D 42 23.55 -7.42 20.93
N GLU D 43 22.47 -7.29 21.68
CA GLU D 43 21.78 -6.02 21.79
C GLU D 43 21.49 -5.44 20.40
N VAL D 44 21.34 -6.31 19.41
CA VAL D 44 21.09 -5.87 18.03
C VAL D 44 19.60 -5.94 17.64
N LYS D 45 18.98 -4.78 17.45
CA LYS D 45 17.57 -4.69 17.05
C LYS D 45 17.26 -5.40 15.73
N PHE D 46 16.00 -5.79 15.56
CA PHE D 46 15.54 -6.35 14.31
C PHE D 46 14.01 -6.23 14.15
N SER D 47 13.56 -5.98 12.92
CA SER D 47 12.14 -5.90 12.65
C SER D 47 11.84 -6.70 11.40
N ASN D 48 10.72 -7.42 11.40
CA ASN D 48 10.32 -8.22 10.24
C ASN D 48 8.85 -8.06 9.98
N LEU D 49 8.47 -8.28 8.72
CA LEU D 49 7.07 -8.16 8.30
C LEU D 49 6.62 -9.49 7.71
N PHE D 50 5.82 -10.26 8.44
CA PHE D 50 5.30 -11.52 7.89
C PHE D 50 4.12 -11.32 6.96
N LEU D 51 4.34 -11.52 5.67
CA LEU D 51 3.28 -11.41 4.70
C LEU D 51 2.76 -12.79 4.31
N GLY D 52 1.51 -12.84 3.86
CA GLY D 52 0.97 -14.09 3.36
C GLY D 52 -0.54 -14.08 3.28
N LEU D 53 -1.08 -14.96 2.44
CA LEU D 53 -2.51 -15.14 2.35
C LEU D 53 -3.03 -15.78 3.65
N THR D 54 -4.34 -15.90 3.77
CA THR D 54 -4.92 -16.35 5.02
C THR D 54 -4.81 -17.87 5.16
N GLY D 55 -4.47 -18.29 6.37
CA GLY D 55 -4.32 -19.70 6.67
C GLY D 55 -3.02 -20.27 6.16
N THR D 56 -1.98 -19.44 6.10
CA THR D 56 -0.68 -19.93 5.68
C THR D 56 0.27 -20.08 6.87
N GLY D 57 -0.27 -19.98 8.08
CA GLY D 57 0.51 -20.15 9.28
C GLY D 57 1.15 -18.90 9.85
N LYS D 58 0.89 -17.75 9.23
CA LYS D 58 1.41 -16.50 9.76
C LYS D 58 1.21 -16.46 11.27
N THR D 59 -0.04 -16.40 11.70
CA THR D 59 -0.36 -16.30 13.12
C THR D 59 0.25 -17.44 13.93
N PHE D 60 -0.01 -18.67 13.49
CA PHE D 60 0.46 -19.87 14.16
C PHE D 60 1.95 -19.83 14.49
N VAL D 61 2.78 -19.54 13.49
CA VAL D 61 4.23 -19.50 13.67
C VAL D 61 4.58 -18.60 14.86
N SER D 62 4.18 -17.33 14.75
CA SER D 62 4.39 -16.30 15.76
C SER D 62 4.05 -16.75 17.19
N LYS D 63 2.80 -17.17 17.37
CA LYS D 63 2.38 -17.72 18.65
C LYS D 63 3.42 -18.74 19.14
N TYR D 64 4.03 -19.46 18.19
CA TYR D 64 4.98 -20.51 18.55
C TYR D 64 6.34 -19.98 18.95
N ILE D 65 6.85 -19.02 18.18
CA ILE D 65 8.06 -18.30 18.57
C ILE D 65 7.87 -17.77 19.97
N PHE D 66 6.98 -16.80 20.08
CA PHE D 66 6.57 -16.25 21.36
C PHE D 66 6.48 -17.37 22.39
N ASN D 67 5.57 -18.31 22.13
CA ASN D 67 5.26 -19.37 23.08
C ASN D 67 6.45 -20.22 23.51
N GLU D 68 7.37 -20.50 22.60
CA GLU D 68 8.54 -21.29 22.96
C GLU D 68 9.57 -20.49 23.74
N ILE D 69 9.67 -19.20 23.42
CA ILE D 69 10.55 -18.29 24.13
C ILE D 69 10.11 -18.09 25.57
N GLU D 70 8.80 -18.24 25.81
CA GLU D 70 8.30 -18.20 27.17
C GLU D 70 8.93 -19.36 27.90
N GLU D 71 8.97 -20.50 27.23
CA GLU D 71 9.63 -21.66 27.79
C GLU D 71 11.14 -21.45 27.93
N VAL D 72 11.74 -20.76 26.96
CA VAL D 72 13.20 -20.60 26.93
C VAL D 72 13.78 -19.78 28.09
N LYS D 73 13.18 -18.63 28.42
CA LYS D 73 13.74 -17.80 29.47
C LYS D 73 13.64 -18.51 30.82
N LYS D 74 12.61 -19.34 30.96
CA LYS D 74 12.49 -20.23 32.12
C LYS D 74 13.74 -21.09 32.24
N GLU D 75 14.05 -21.81 31.18
CA GLU D 75 15.17 -22.74 31.18
C GLU D 75 16.51 -21.99 31.17
N ASP D 76 16.76 -21.23 30.11
CA ASP D 76 18.05 -20.58 29.88
C ASP D 76 18.59 -19.82 31.09
N GLU D 77 18.05 -18.61 31.30
CA GLU D 77 18.46 -17.70 32.38
C GLU D 77 19.11 -16.43 31.86
N GLU D 78 19.81 -16.51 30.73
CA GLU D 78 20.37 -15.31 30.12
C GLU D 78 19.27 -14.56 29.38
N TYR D 79 18.13 -15.22 29.25
CA TYR D 79 16.94 -14.62 28.68
C TYR D 79 16.11 -14.02 29.82
N LYS D 80 16.26 -14.59 31.01
CA LYS D 80 15.64 -14.06 32.21
C LYS D 80 15.88 -12.55 32.30
N ASP D 81 14.85 -11.78 31.96
CA ASP D 81 14.87 -10.30 31.88
C ASP D 81 14.22 -9.82 30.57
N VAL D 82 13.76 -10.76 29.74
CA VAL D 82 13.12 -10.38 28.49
C VAL D 82 11.60 -10.44 28.56
N LYS D 83 10.97 -9.30 28.25
CA LYS D 83 9.53 -9.16 28.26
C LYS D 83 8.94 -9.31 26.85
N GLN D 84 7.80 -9.98 26.75
CA GLN D 84 7.11 -10.13 25.47
C GLN D 84 5.67 -9.61 25.51
N ALA D 85 5.25 -9.01 24.41
CA ALA D 85 3.87 -8.57 24.25
C ALA D 85 3.34 -9.09 22.93
N TYR D 86 2.19 -9.76 22.98
CA TYR D 86 1.53 -10.18 21.75
C TYR D 86 0.19 -9.46 21.65
N VAL D 87 0.05 -8.64 20.62
CA VAL D 87 -1.12 -7.78 20.47
C VAL D 87 -1.75 -7.91 19.10
N ASN D 88 -3.07 -7.99 19.06
CA ASN D 88 -3.75 -8.20 17.79
C ASN D 88 -4.47 -6.97 17.30
N CYS D 89 -3.77 -6.14 16.53
CA CYS D 89 -4.34 -4.90 16.02
C CYS D 89 -5.80 -4.96 15.59
N ARG D 90 -6.28 -6.10 15.11
CA ARG D 90 -7.70 -6.18 14.76
C ARG D 90 -8.54 -6.37 16.03
N GLU D 91 -8.18 -7.36 16.83
CA GLU D 91 -8.95 -7.73 18.01
C GLU D 91 -9.23 -6.57 18.98
N VAL D 92 -8.33 -5.58 19.03
CA VAL D 92 -8.39 -4.51 20.03
C VAL D 92 -9.29 -3.33 19.63
N GLY D 93 -9.10 -2.85 18.42
CA GLY D 93 -9.87 -1.72 17.94
C GLY D 93 -9.40 -1.45 16.55
N GLY D 94 -8.11 -1.60 16.35
CA GLY D 94 -7.49 -1.26 15.08
C GLY D 94 -6.86 0.09 15.25
N THR D 95 -7.28 0.80 16.29
CA THR D 95 -6.85 2.16 16.53
C THR D 95 -5.47 2.20 17.21
N PRO D 96 -4.63 3.20 16.87
CA PRO D 96 -3.31 3.36 17.51
C PRO D 96 -3.43 3.42 19.02
N GLN D 97 -4.22 4.36 19.49
CA GLN D 97 -4.52 4.46 20.91
C GLN D 97 -4.81 3.09 21.54
N ALA D 98 -5.65 2.30 20.89
CA ALA D 98 -6.06 1.01 21.44
C ALA D 98 -4.87 0.08 21.54
N VAL D 99 -4.10 0.02 20.45
CA VAL D 99 -2.92 -0.81 20.36
C VAL D 99 -1.82 -0.43 21.34
N LEU D 100 -1.37 0.83 21.29
CA LEU D 100 -0.35 1.33 22.21
C LEU D 100 -0.65 1.04 23.68
N SER D 101 -1.90 1.23 24.07
CA SER D 101 -2.37 0.95 25.43
C SER D 101 -2.05 -0.48 25.85
N SER D 102 -2.34 -1.44 24.97
CA SER D 102 -2.16 -2.85 25.26
C SER D 102 -0.69 -3.20 25.52
N LEU D 103 0.19 -2.73 24.64
CA LEU D 103 1.62 -2.94 24.78
C LEU D 103 2.09 -2.42 26.12
N ALA D 104 1.91 -1.12 26.32
CA ALA D 104 2.27 -0.46 27.58
C ALA D 104 1.64 -1.19 28.75
N GLY D 105 0.57 -1.94 28.49
CA GLY D 105 -0.04 -2.76 29.50
C GLY D 105 0.90 -3.84 29.97
N LYS D 106 1.29 -4.72 29.06
CA LYS D 106 2.12 -5.86 29.42
C LYS D 106 3.54 -5.45 29.79
N LEU D 107 4.16 -4.65 28.92
CA LEU D 107 5.53 -4.20 29.14
C LEU D 107 5.77 -3.46 30.45
N THR D 108 5.00 -2.40 30.67
CA THR D 108 5.14 -1.63 31.91
C THR D 108 4.86 -2.53 33.09
N GLY D 109 3.58 -2.84 33.28
CA GLY D 109 3.11 -3.66 34.37
C GLY D 109 1.72 -4.11 33.98
N PHE D 110 0.74 -3.23 34.20
CA PHE D 110 -0.56 -3.29 33.51
C PHE D 110 -1.56 -2.20 33.92
N SER D 111 -1.15 -1.26 34.76
CA SER D 111 -2.01 -0.12 35.03
C SER D 111 -1.80 0.85 33.89
N VAL D 112 -2.86 1.09 33.11
CA VAL D 112 -2.75 1.97 31.95
C VAL D 112 -4.12 2.46 31.47
N PRO D 113 -4.22 3.77 31.16
CA PRO D 113 -5.44 4.40 30.63
C PRO D 113 -5.67 3.96 29.20
N LYS D 114 -6.90 4.06 28.71
CA LYS D 114 -7.18 3.73 27.33
C LYS D 114 -7.55 4.98 26.55
N HIS D 115 -8.06 5.97 27.27
CA HIS D 115 -8.48 7.22 26.66
C HIS D 115 -7.96 8.39 27.46
N GLY D 116 -7.85 9.55 26.82
CA GLY D 116 -7.52 10.79 27.51
C GLY D 116 -6.07 11.23 27.44
N ILE D 117 -5.20 10.26 27.24
CA ILE D 117 -3.77 10.48 27.21
C ILE D 117 -3.24 10.76 25.80
N ASN D 118 -2.22 11.61 25.76
CA ASN D 118 -1.47 11.90 24.55
C ASN D 118 -0.62 10.70 24.12
N LEU D 119 -0.85 10.23 22.91
CA LEU D 119 -0.24 8.99 22.39
C LEU D 119 1.26 8.81 22.65
N GLY D 120 1.99 9.92 22.71
CA GLY D 120 3.42 9.87 22.94
C GLY D 120 3.71 9.26 24.30
N GLU D 121 2.92 9.67 25.29
CA GLU D 121 3.07 9.15 26.64
C GLU D 121 2.63 7.70 26.74
N TYR D 122 2.67 6.97 25.62
CA TYR D 122 2.57 5.52 25.65
C TYR D 122 3.94 4.99 25.38
N ILE D 123 4.57 5.58 24.38
CA ILE D 123 5.95 5.32 24.04
C ILE D 123 6.85 5.72 25.21
N ASP D 124 6.51 6.82 25.87
CA ASP D 124 7.23 7.25 27.07
C ASP D 124 7.04 6.20 28.15
N LYS D 125 5.87 5.59 28.18
CA LYS D 125 5.52 4.63 29.23
C LYS D 125 6.24 3.31 29.03
N ILE D 126 6.39 2.92 27.77
CA ILE D 126 7.06 1.67 27.40
C ILE D 126 8.56 1.67 27.70
N LYS D 127 9.21 2.81 27.43
CA LYS D 127 10.63 2.95 27.74
C LYS D 127 10.87 2.70 29.22
N ASN D 128 9.99 3.25 30.05
CA ASN D 128 10.14 3.17 31.50
C ASN D 128 9.96 1.77 32.05
N GLY D 129 9.16 0.96 31.36
CA GLY D 129 8.86 -0.39 31.78
C GLY D 129 9.86 -1.43 31.29
N THR D 130 10.73 -1.03 30.37
CA THR D 130 11.77 -1.93 29.89
C THR D 130 13.16 -1.30 30.01
N ARG D 131 13.27 -0.18 30.75
CA ARG D 131 14.54 0.51 30.87
C ARG D 131 15.61 -0.54 31.11
N ASN D 132 16.67 -0.49 30.30
CA ASN D 132 17.52 -1.66 30.01
C ASN D 132 17.11 -3.00 30.63
N ILE D 133 16.73 -3.89 29.71
CA ILE D 133 15.89 -5.05 29.93
C ILE D 133 15.32 -5.15 28.53
N ARG D 134 15.45 -6.28 27.86
CA ARG D 134 15.08 -6.32 26.45
C ARG D 134 13.68 -6.84 26.20
N ALA D 135 13.01 -6.25 25.20
CA ALA D 135 11.60 -6.53 24.96
C ALA D 135 11.29 -6.79 23.48
N ILE D 136 10.37 -7.73 23.26
CA ILE D 136 9.99 -8.19 21.92
C ILE D 136 8.51 -7.92 21.64
N ILE D 137 8.22 -7.47 20.43
CA ILE D 137 6.85 -7.12 20.05
C ILE D 137 6.29 -7.96 18.89
N TYR D 138 5.03 -8.38 19.03
CA TYR D 138 4.31 -9.09 17.98
C TYR D 138 3.06 -8.30 17.63
N LEU D 139 2.83 -8.04 16.34
CA LEU D 139 1.67 -7.24 15.92
C LEU D 139 0.76 -7.90 14.86
N ASP D 140 -0.04 -8.89 15.27
CA ASP D 140 -0.86 -9.62 14.31
C ASP D 140 -1.91 -8.72 13.64
N GLU D 141 -1.90 -8.74 12.31
CA GLU D 141 -2.85 -7.97 11.50
C GLU D 141 -2.62 -6.47 11.59
N VAL D 142 -1.35 -6.11 11.66
CA VAL D 142 -0.91 -4.71 11.70
C VAL D 142 -1.40 -3.95 10.47
N ASP D 143 -2.03 -4.67 9.55
CA ASP D 143 -2.57 -4.02 8.36
C ASP D 143 -3.79 -3.16 8.72
N THR D 144 -4.39 -3.42 9.89
CA THR D 144 -5.44 -2.56 10.41
C THR D 144 -4.84 -1.25 10.90
N LEU D 145 -3.92 -1.33 11.84
CA LEU D 145 -3.26 -0.14 12.39
C LEU D 145 -2.76 0.80 11.30
N VAL D 146 -2.17 0.22 10.26
CA VAL D 146 -1.56 1.02 9.18
C VAL D 146 -2.57 1.76 8.34
N LYS D 147 -3.70 1.12 8.08
CA LYS D 147 -4.76 1.71 7.27
C LYS D 147 -5.43 2.90 7.96
N ARG D 148 -5.10 3.11 9.22
CA ARG D 148 -5.68 4.23 9.99
C ARG D 148 -4.70 5.37 10.14
N ARG D 149 -5.24 6.58 10.20
CA ARG D 149 -4.42 7.77 10.31
C ARG D 149 -3.35 7.64 11.39
N GLY D 150 -2.09 7.80 11.00
CA GLY D 150 -0.97 7.80 11.91
C GLY D 150 -0.52 6.43 12.40
N GLY D 151 -0.99 5.38 11.74
CA GLY D 151 -0.64 4.02 12.11
C GLY D 151 0.80 3.63 11.76
N ASP D 152 1.27 4.09 10.61
CA ASP D 152 2.66 3.86 10.25
C ASP D 152 3.51 4.90 10.94
N ILE D 153 2.92 6.06 11.21
CA ILE D 153 3.57 7.14 11.94
C ILE D 153 3.74 6.76 13.41
N VAL D 154 3.06 5.70 13.83
CA VAL D 154 3.31 5.10 15.12
C VAL D 154 4.48 4.13 15.03
N LEU D 155 4.36 3.12 14.17
CA LEU D 155 5.38 2.10 14.00
C LEU D 155 6.76 2.70 13.86
N TYR D 156 6.89 3.76 13.05
CA TYR D 156 8.18 4.39 12.83
C TYR D 156 8.81 4.86 14.13
N GLN D 157 7.98 5.38 15.02
CA GLN D 157 8.46 5.89 16.30
C GLN D 157 8.72 4.74 17.26
N LEU D 158 8.23 3.55 16.91
CA LEU D 158 8.49 2.32 17.65
C LEU D 158 9.81 1.71 17.19
N LEU D 159 9.77 1.08 16.02
CA LEU D 159 10.96 0.53 15.38
C LEU D 159 12.22 1.37 15.65
N ARG D 160 12.18 2.64 15.24
CA ARG D 160 13.35 3.52 15.32
C ARG D 160 13.47 4.41 16.55
N SER D 161 12.99 3.95 17.71
CA SER D 161 13.16 4.74 18.93
C SER D 161 14.30 4.18 19.76
N ASP D 162 14.37 4.63 21.00
CA ASP D 162 15.48 4.32 21.88
C ASP D 162 15.39 2.94 22.53
N ALA D 163 14.44 2.76 23.46
CA ALA D 163 14.33 1.50 24.19
C ALA D 163 14.54 0.29 23.28
N ASN D 164 15.73 -0.29 23.33
CA ASN D 164 16.08 -1.41 22.46
C ASN D 164 14.95 -2.44 22.33
N ILE D 165 14.12 -2.25 21.31
CA ILE D 165 12.95 -3.10 21.09
C ILE D 165 12.86 -3.65 19.67
N SER D 166 12.68 -4.97 19.58
CA SER D 166 12.56 -5.68 18.31
C SER D 166 11.10 -5.98 18.02
N VAL D 167 10.66 -5.66 16.80
CA VAL D 167 9.26 -5.75 16.43
C VAL D 167 8.98 -6.77 15.34
N ILE D 168 7.95 -7.57 15.56
CA ILE D 168 7.47 -8.49 14.54
C ILE D 168 6.05 -8.12 14.05
N MET D 169 5.94 -7.85 12.76
CA MET D 169 4.68 -7.45 12.19
C MET D 169 4.13 -8.47 11.21
N ILE D 170 3.01 -9.07 11.59
CA ILE D 170 2.33 -10.04 10.75
C ILE D 170 1.06 -9.42 10.16
N SER D 171 1.09 -9.04 8.90
CA SER D 171 -0.09 -8.47 8.28
C SER D 171 -0.87 -9.53 7.52
N ASN D 172 -2.16 -9.30 7.33
CA ASN D 172 -2.98 -10.16 6.51
C ASN D 172 -3.14 -9.64 5.08
N ASP D 173 -3.11 -8.32 4.91
CA ASP D 173 -3.12 -7.73 3.57
C ASP D 173 -1.69 -7.65 3.04
N ILE D 174 -1.45 -8.28 1.89
CA ILE D 174 -0.10 -8.38 1.33
C ILE D 174 0.47 -7.04 0.82
N ASN D 175 -0.32 -6.30 0.05
CA ASN D 175 0.14 -5.00 -0.48
C ASN D 175 0.37 -3.96 0.62
N VAL D 176 0.48 -4.43 1.85
CA VAL D 176 0.49 -3.56 3.02
C VAL D 176 1.63 -2.57 3.03
N ARG D 177 2.51 -2.65 2.04
CA ARG D 177 3.59 -1.70 1.97
C ARG D 177 3.15 -0.40 1.32
N ASP D 178 2.34 -0.51 0.28
CA ASP D 178 1.87 0.65 -0.45
C ASP D 178 1.02 1.52 0.47
N TYR D 179 0.63 0.94 1.60
CA TYR D 179 -0.09 1.67 2.63
C TYR D 179 0.88 2.30 3.62
N MET D 180 2.17 1.95 3.50
CA MET D 180 3.18 2.38 4.47
C MET D 180 4.06 3.52 3.99
N GLU D 181 4.25 4.51 4.85
CA GLU D 181 5.04 5.68 4.53
C GLU D 181 6.51 5.30 4.30
N PRO D 182 7.23 6.10 3.50
CA PRO D 182 8.66 5.85 3.24
C PRO D 182 9.44 5.67 4.54
N ARG D 183 9.35 6.63 5.44
CA ARG D 183 9.99 6.53 6.75
C ARG D 183 9.94 5.08 7.21
N VAL D 184 8.72 4.62 7.45
CA VAL D 184 8.46 3.32 8.06
C VAL D 184 9.10 2.18 7.29
N LEU D 185 8.76 2.13 6.01
CA LEU D 185 9.21 1.10 5.10
C LEU D 185 10.74 1.10 5.05
N SER D 186 11.32 2.29 4.93
CA SER D 186 12.77 2.44 4.93
C SER D 186 13.40 1.82 6.17
N SER D 187 12.97 2.27 7.34
CA SER D 187 13.51 1.81 8.62
C SER D 187 12.96 0.44 9.01
N LEU D 188 12.43 -0.29 8.04
CA LEU D 188 11.83 -1.58 8.32
C LEU D 188 12.83 -2.69 8.03
N GLY D 189 12.69 -3.79 8.75
CA GLY D 189 13.52 -4.94 8.50
C GLY D 189 12.97 -5.76 7.36
N PRO D 190 13.49 -6.98 7.18
CA PRO D 190 13.13 -7.86 6.05
C PRO D 190 11.73 -8.45 6.17
N SER D 191 11.07 -8.63 5.04
CA SER D 191 9.71 -9.16 5.00
C SER D 191 9.81 -10.65 4.72
N VAL D 192 9.07 -11.46 5.47
CA VAL D 192 9.15 -12.91 5.37
C VAL D 192 7.83 -13.46 4.85
N ILE D 193 7.85 -14.03 3.65
CA ILE D 193 6.60 -14.40 2.98
C ILE D 193 6.19 -15.87 3.13
N PHE D 194 4.99 -16.11 3.66
CA PHE D 194 4.52 -17.49 3.82
C PHE D 194 3.80 -17.99 2.57
N LYS D 195 4.52 -18.72 1.73
CA LYS D 195 3.95 -19.28 0.51
C LYS D 195 2.89 -20.30 0.86
N PRO D 196 1.74 -20.24 0.17
CA PRO D 196 0.65 -21.16 0.49
C PRO D 196 1.11 -22.58 0.28
N TYR D 197 0.46 -23.51 0.98
CA TYR D 197 0.83 -24.91 0.88
C TYR D 197 0.38 -25.53 -0.44
N ASP D 198 1.10 -26.55 -0.88
CA ASP D 198 0.67 -27.30 -2.05
C ASP D 198 -0.05 -28.57 -1.59
N ALA D 199 -0.52 -29.37 -2.54
CA ALA D 199 -1.28 -30.56 -2.21
C ALA D 199 -0.51 -31.53 -1.31
N GLU D 200 0.77 -31.76 -1.63
CA GLU D 200 1.60 -32.70 -0.87
C GLU D 200 1.81 -32.26 0.58
N GLN D 201 2.07 -30.95 0.73
CA GLN D 201 2.28 -30.33 2.03
C GLN D 201 1.04 -30.48 2.89
N LEU D 202 -0.11 -30.10 2.32
CA LEU D 202 -1.38 -30.28 2.99
C LEU D 202 -1.65 -31.73 3.42
N LYS D 203 -1.42 -32.68 2.52
CA LYS D 203 -1.72 -34.09 2.81
C LYS D 203 -0.91 -34.60 3.99
N PHE D 204 0.32 -34.10 4.13
CA PHE D 204 1.14 -34.42 5.29
C PHE D 204 0.58 -33.76 6.55
N ILE D 205 0.37 -32.45 6.48
CA ILE D 205 -0.18 -31.72 7.63
C ILE D 205 -1.42 -32.41 8.16
N LEU D 206 -2.39 -32.59 7.27
CA LEU D 206 -3.60 -33.31 7.61
C LEU D 206 -3.26 -34.63 8.29
N SER D 207 -2.31 -35.37 7.70
CA SER D 207 -1.94 -36.68 8.23
C SER D 207 -1.39 -36.61 9.64
N LYS D 208 -0.91 -35.43 10.01
CA LYS D 208 -0.46 -35.19 11.37
C LYS D 208 -1.66 -34.99 12.29
N TYR D 209 -2.54 -34.09 11.90
CA TYR D 209 -3.78 -33.84 12.65
C TYR D 209 -4.59 -35.14 12.78
N ALA D 210 -4.74 -35.86 11.66
CA ALA D 210 -5.40 -37.15 11.63
C ALA D 210 -4.79 -38.08 12.66
N GLU D 211 -3.48 -38.01 12.78
CA GLU D 211 -2.74 -38.87 13.67
C GLU D 211 -3.12 -38.56 15.12
N TYR D 212 -3.01 -37.29 15.50
CA TYR D 212 -3.26 -36.87 16.88
C TYR D 212 -4.74 -36.92 17.27
N GLY D 213 -5.54 -36.08 16.62
CA GLY D 213 -6.93 -35.93 16.99
C GLY D 213 -7.79 -37.16 16.73
N LEU D 214 -7.73 -37.68 15.51
CA LEU D 214 -8.55 -38.80 15.09
C LEU D 214 -8.11 -40.16 15.62
N ILE D 215 -8.76 -41.21 15.13
CA ILE D 215 -8.58 -42.58 15.62
C ILE D 215 -8.27 -43.55 14.48
N LYS D 216 -7.20 -44.34 14.63
CA LYS D 216 -6.72 -45.25 13.58
C LYS D 216 -7.82 -46.05 12.89
N GLY D 217 -7.76 -46.08 11.56
CA GLY D 217 -8.76 -46.78 10.77
C GLY D 217 -9.74 -45.84 10.08
N THR D 218 -10.27 -44.89 10.86
CA THR D 218 -11.34 -44.00 10.39
C THR D 218 -10.94 -43.14 9.20
N TYR D 219 -9.64 -42.89 9.05
CA TYR D 219 -9.11 -42.12 7.94
C TYR D 219 -8.16 -42.95 7.10
N ASP D 220 -8.44 -43.07 5.80
CA ASP D 220 -7.49 -43.73 4.91
C ASP D 220 -6.50 -42.72 4.34
N ASP D 221 -5.87 -43.07 3.23
CA ASP D 221 -4.86 -42.19 2.65
C ASP D 221 -5.38 -41.38 1.48
N GLU D 222 -6.26 -41.99 0.69
CA GLU D 222 -6.84 -41.31 -0.47
C GLU D 222 -7.64 -40.08 -0.08
N ILE D 223 -8.35 -40.18 1.04
CA ILE D 223 -9.25 -39.12 1.48
C ILE D 223 -8.48 -37.93 2.01
N LEU D 224 -7.39 -38.19 2.72
CA LEU D 224 -6.47 -37.13 3.11
C LEU D 224 -5.94 -36.48 1.84
N SER D 225 -5.59 -37.30 0.86
CA SER D 225 -5.14 -36.81 -0.44
C SER D 225 -6.23 -35.93 -1.05
N TYR D 226 -7.47 -36.35 -0.86
CA TYR D 226 -8.65 -35.68 -1.43
C TYR D 226 -8.80 -34.22 -1.00
N ILE D 227 -8.75 -34.00 0.31
CA ILE D 227 -8.95 -32.68 0.90
C ILE D 227 -7.85 -31.70 0.51
N ALA D 228 -6.61 -32.17 0.66
CA ALA D 228 -5.44 -31.43 0.22
C ALA D 228 -5.57 -31.04 -1.23
N ALA D 229 -5.98 -31.99 -2.07
CA ALA D 229 -6.22 -31.68 -3.47
C ALA D 229 -7.19 -30.51 -3.54
N ILE D 230 -8.32 -30.65 -2.85
CA ILE D 230 -9.36 -29.62 -2.87
C ILE D 230 -8.84 -28.23 -2.47
N SER D 231 -8.47 -28.08 -1.20
CA SER D 231 -7.96 -26.81 -0.71
C SER D 231 -6.89 -26.28 -1.66
N ALA D 232 -5.69 -26.85 -1.51
CA ALA D 232 -4.47 -26.43 -2.21
C ALA D 232 -4.66 -25.71 -3.55
N LYS D 233 -5.56 -26.24 -4.38
CA LYS D 233 -5.71 -25.73 -5.75
C LYS D 233 -6.44 -24.37 -5.77
N GLU D 234 -5.73 -23.39 -6.35
CA GLU D 234 -5.77 -21.98 -5.97
C GLU D 234 -6.71 -21.62 -4.81
N HIS D 235 -6.05 -21.28 -3.70
CA HIS D 235 -6.66 -21.36 -2.39
C HIS D 235 -5.55 -21.15 -1.35
N GLY D 236 -4.67 -22.14 -1.21
CA GLY D 236 -3.68 -22.16 -0.15
C GLY D 236 -4.40 -22.59 1.11
N ASP D 237 -4.48 -21.69 2.09
CA ASP D 237 -5.33 -21.83 3.27
C ASP D 237 -5.35 -23.20 3.93
N ALA D 238 -4.81 -23.25 5.15
CA ALA D 238 -4.70 -24.46 5.95
C ALA D 238 -5.80 -24.53 7.04
N ARG D 239 -6.34 -23.38 7.41
CA ARG D 239 -7.34 -23.31 8.48
C ARG D 239 -8.61 -23.99 8.02
N LYS D 240 -8.94 -23.75 6.75
CA LYS D 240 -10.05 -24.42 6.09
C LYS D 240 -9.73 -25.90 5.99
N ALA D 241 -8.61 -26.24 5.37
CA ALA D 241 -8.15 -27.63 5.26
C ALA D 241 -8.30 -28.41 6.56
N VAL D 242 -7.77 -27.89 7.67
CA VAL D 242 -7.95 -28.52 8.98
C VAL D 242 -9.41 -28.55 9.43
N ASN D 243 -10.09 -27.41 9.42
CA ASN D 243 -11.48 -27.36 9.86
C ASN D 243 -12.41 -28.11 8.90
N LEU D 244 -11.91 -28.44 7.72
CA LEU D 244 -12.70 -29.12 6.70
C LEU D 244 -12.74 -30.59 7.05
N LEU D 245 -11.57 -31.14 7.36
CA LEU D 245 -11.47 -32.47 7.93
C LEU D 245 -12.47 -32.63 9.07
N PHE D 246 -12.51 -31.63 9.94
CA PHE D 246 -13.34 -31.68 11.14
C PHE D 246 -14.82 -31.95 10.82
N ARG D 247 -15.38 -31.24 9.84
CA ARG D 247 -16.76 -31.51 9.43
C ARG D 247 -16.89 -32.97 9.00
N ALA D 248 -16.19 -33.34 7.94
CA ALA D 248 -16.27 -34.70 7.43
C ALA D 248 -15.99 -35.69 8.56
N ALA D 249 -15.22 -35.25 9.55
CA ALA D 249 -15.03 -36.05 10.75
C ALA D 249 -16.35 -36.13 11.54
N GLN D 250 -16.83 -34.97 11.99
CA GLN D 250 -18.11 -34.90 12.71
C GLN D 250 -19.13 -35.85 12.10
N LEU D 251 -19.44 -35.59 10.83
CA LEU D 251 -20.40 -36.37 10.07
C LEU D 251 -20.11 -37.87 10.08
N ALA D 252 -18.86 -38.24 9.80
CA ALA D 252 -18.52 -39.65 9.66
C ALA D 252 -18.49 -40.41 10.97
N SER D 253 -19.14 -39.87 11.99
CA SER D 253 -19.26 -40.60 13.23
C SER D 253 -20.24 -41.75 13.04
N GLY D 254 -20.77 -41.86 11.82
CA GLY D 254 -21.69 -42.92 11.46
C GLY D 254 -21.24 -44.30 11.91
N GLY D 255 -20.46 -44.96 11.07
CA GLY D 255 -19.85 -46.23 11.44
C GLY D 255 -18.62 -46.03 12.32
N GLY D 256 -17.61 -45.37 11.76
CA GLY D 256 -17.69 -44.82 10.42
C GLY D 256 -16.45 -44.84 9.54
N ILE D 257 -16.71 -45.02 8.24
CA ILE D 257 -15.74 -44.76 7.18
C ILE D 257 -16.04 -43.34 6.72
N ILE D 258 -15.01 -42.64 6.25
CA ILE D 258 -15.20 -41.26 5.81
C ILE D 258 -15.02 -41.17 4.29
N ARG D 259 -16.11 -41.06 3.53
CA ARG D 259 -16.01 -41.09 2.07
C ARG D 259 -16.10 -39.70 1.42
N LYS D 260 -16.00 -39.65 0.10
CA LYS D 260 -16.06 -38.38 -0.63
C LYS D 260 -17.30 -37.56 -0.27
N GLU D 261 -18.39 -38.25 0.08
CA GLU D 261 -19.59 -37.58 0.56
C GLU D 261 -19.25 -36.66 1.74
N HIS D 262 -18.87 -37.26 2.85
CA HIS D 262 -18.54 -36.57 4.09
C HIS D 262 -17.79 -35.26 3.85
N VAL D 263 -16.92 -35.28 2.86
CA VAL D 263 -16.15 -34.11 2.47
C VAL D 263 -17.05 -33.10 1.75
N ASP D 264 -17.68 -33.52 0.66
CA ASP D 264 -18.54 -32.62 -0.12
C ASP D 264 -19.50 -31.83 0.78
N LYS D 265 -20.25 -32.54 1.63
CA LYS D 265 -21.18 -31.91 2.57
C LYS D 265 -20.47 -30.96 3.51
N ALA D 266 -19.42 -31.46 4.13
CA ALA D 266 -18.53 -30.63 4.94
C ALA D 266 -18.21 -29.32 4.24
N ILE D 267 -18.15 -29.34 2.90
CA ILE D 267 -17.83 -28.12 2.15
C ILE D 267 -19.00 -27.14 2.08
N VAL D 268 -20.15 -27.61 1.62
CA VAL D 268 -21.36 -26.79 1.63
C VAL D 268 -21.66 -26.38 3.06
N ASP D 269 -21.54 -27.36 3.95
CA ASP D 269 -21.70 -27.19 5.38
C ASP D 269 -20.88 -26.01 5.89
N TYR D 270 -19.77 -25.74 5.22
CA TYR D 270 -18.81 -24.72 5.65
C TYR D 270 -19.04 -23.38 4.99
N GLU D 271 -19.36 -23.39 3.69
CA GLU D 271 -19.56 -22.14 2.96
C GLU D 271 -20.82 -21.44 3.42
N GLN D 272 -21.86 -22.20 3.67
CA GLN D 272 -23.13 -21.61 4.07
C GLN D 272 -23.18 -21.36 5.57
N GLU D 273 -22.56 -22.23 6.36
CA GLU D 273 -22.55 -22.04 7.80
C GLU D 273 -21.73 -20.83 8.18
N ARG D 274 -20.80 -20.44 7.30
CA ARG D 274 -20.00 -19.25 7.52
C ARG D 274 -20.89 -18.03 7.66
N LEU D 275 -21.73 -17.83 6.65
CA LEU D 275 -22.63 -16.69 6.61
C LEU D 275 -23.41 -16.54 7.90
N ILE D 276 -23.81 -17.66 8.49
CA ILE D 276 -24.60 -17.63 9.72
C ILE D 276 -23.92 -16.80 10.81
N GLU D 277 -22.83 -17.30 11.37
CA GLU D 277 -22.15 -16.56 12.43
C GLU D 277 -21.53 -15.28 11.92
N ALA D 278 -21.32 -15.22 10.61
CA ALA D 278 -20.83 -14.02 9.97
C ALA D 278 -21.81 -12.87 10.18
N VAL D 279 -23.05 -13.22 10.51
CA VAL D 279 -24.06 -12.22 10.79
C VAL D 279 -24.40 -12.22 12.27
N LYS D 280 -24.41 -13.41 12.87
CA LYS D 280 -24.62 -13.51 14.30
C LYS D 280 -23.74 -12.46 15.00
N ALA D 281 -22.45 -12.48 14.68
CA ALA D 281 -21.50 -11.55 15.27
C ALA D 281 -21.34 -10.34 14.38
N LEU D 282 -22.31 -9.43 14.50
CA LEU D 282 -22.38 -8.26 13.66
C LEU D 282 -22.98 -7.14 14.53
N PRO D 283 -22.16 -6.15 14.90
CA PRO D 283 -22.58 -5.04 15.77
C PRO D 283 -24.04 -4.70 15.61
N PHE D 284 -24.65 -4.36 16.74
CA PHE D 284 -26.09 -4.29 16.90
C PHE D 284 -26.83 -3.54 15.79
N HIS D 285 -26.52 -2.26 15.63
CA HIS D 285 -27.10 -1.47 14.55
C HIS D 285 -26.81 -2.01 13.16
N TYR D 286 -25.67 -2.65 12.98
CA TYR D 286 -25.38 -3.25 11.70
C TYR D 286 -26.56 -4.16 11.30
N LYS D 287 -26.96 -5.06 12.20
CA LYS D 287 -28.06 -5.97 11.92
C LYS D 287 -29.32 -5.23 11.47
N LEU D 288 -29.70 -4.21 12.22
CA LEU D 288 -30.87 -3.38 11.90
C LEU D 288 -30.72 -2.76 10.53
N ALA D 289 -29.52 -2.28 10.24
CA ALA D 289 -29.19 -1.69 8.95
C ALA D 289 -29.36 -2.75 7.89
N LEU D 290 -28.77 -3.91 8.16
CA LEU D 290 -28.80 -5.00 7.21
C LEU D 290 -30.23 -5.37 6.84
N ARG D 291 -31.14 -5.43 7.80
CA ARG D 291 -32.52 -5.72 7.43
C ARG D 291 -33.09 -4.62 6.57
N SER D 292 -32.77 -3.38 6.91
CA SER D 292 -33.25 -2.25 6.12
C SER D 292 -33.03 -2.48 4.65
N LEU D 293 -31.86 -3.02 4.33
CA LEU D 293 -31.45 -3.23 2.96
C LEU D 293 -32.20 -4.33 2.26
N ILE D 294 -32.57 -5.39 2.98
CA ILE D 294 -33.20 -6.53 2.32
C ILE D 294 -34.56 -6.16 1.74
N GLU D 295 -35.20 -5.15 2.32
CA GLU D 295 -36.51 -4.72 1.83
C GLU D 295 -36.49 -3.36 1.13
N SER D 296 -35.29 -2.84 0.90
CA SER D 296 -35.07 -1.72 -0.01
C SER D 296 -33.58 -1.53 -0.30
N GLU D 297 -33.20 -1.65 -1.56
CA GLU D 297 -31.82 -1.45 -1.97
C GLU D 297 -31.42 0.04 -1.94
N ASP D 298 -32.39 0.95 -2.04
CA ASP D 298 -32.13 2.40 -1.99
C ASP D 298 -31.61 2.81 -0.62
N VAL D 299 -30.37 3.29 -0.55
CA VAL D 299 -29.75 3.55 0.75
C VAL D 299 -30.43 4.65 1.57
N MET D 300 -30.71 5.79 0.95
CA MET D 300 -31.46 6.84 1.64
C MET D 300 -32.80 6.29 2.10
N SER D 301 -33.38 5.40 1.29
CA SER D 301 -34.66 4.81 1.60
C SER D 301 -34.55 3.78 2.73
N ALA D 302 -33.55 2.92 2.64
CA ALA D 302 -33.25 1.99 3.71
C ALA D 302 -33.09 2.70 5.06
N HIS D 303 -32.36 3.82 5.05
CA HIS D 303 -32.08 4.55 6.29
C HIS D 303 -33.33 4.95 7.03
N LYS D 304 -34.41 5.16 6.28
CA LYS D 304 -35.72 5.48 6.86
C LYS D 304 -36.29 4.28 7.60
N MET D 305 -36.34 3.13 6.95
CA MET D 305 -36.83 1.95 7.65
C MET D 305 -35.84 1.50 8.72
N TYR D 306 -34.63 2.03 8.67
CA TYR D 306 -33.67 1.87 9.76
C TYR D 306 -34.08 2.70 10.97
N THR D 307 -34.17 4.02 10.77
CA THR D 307 -34.62 4.94 11.81
C THR D 307 -35.94 4.48 12.42
N ASP D 308 -36.64 3.61 11.71
CA ASP D 308 -37.86 3.02 12.23
C ASP D 308 -37.62 1.92 13.26
N LEU D 309 -36.78 0.96 12.91
CA LEU D 309 -36.46 -0.14 13.82
C LEU D 309 -35.77 0.35 15.09
N CYS D 310 -34.94 1.38 14.95
CA CYS D 310 -34.29 1.98 16.12
C CYS D 310 -35.34 2.52 17.07
N ASN D 311 -36.27 3.29 16.52
CA ASN D 311 -37.33 3.88 17.30
C ASN D 311 -38.09 2.79 18.02
N LYS D 312 -38.44 1.74 17.28
CA LYS D 312 -39.18 0.60 17.84
C LYS D 312 -38.41 -0.14 18.93
N PHE D 313 -37.08 0.00 18.95
CA PHE D 313 -36.29 -0.59 20.02
C PHE D 313 -35.66 0.48 20.91
N LYS D 314 -36.46 1.51 21.20
CA LYS D 314 -36.02 2.67 21.96
C LYS D 314 -34.49 2.80 21.90
N GLN D 315 -34.02 3.32 20.77
CA GLN D 315 -32.59 3.47 20.53
C GLN D 315 -32.31 4.51 19.49
N LYS D 316 -31.33 5.38 19.79
CA LYS D 316 -31.07 6.49 18.90
C LYS D 316 -30.63 6.04 17.51
N PRO D 317 -31.40 6.41 16.49
CA PRO D 317 -30.99 6.16 15.11
C PRO D 317 -29.75 6.98 14.82
N LEU D 318 -28.85 6.41 14.03
CA LEU D 318 -27.59 7.04 13.67
C LEU D 318 -27.73 7.97 12.48
N SER D 319 -26.79 8.90 12.32
CA SER D 319 -26.90 9.86 11.22
C SER D 319 -26.86 9.11 9.90
N TYR D 320 -27.49 9.67 8.88
CA TYR D 320 -27.45 9.03 7.59
C TYR D 320 -26.01 8.89 7.16
N ARG D 321 -25.18 9.87 7.47
CA ARG D 321 -23.77 9.78 7.11
C ARG D 321 -23.11 8.53 7.70
N ARG D 322 -23.16 8.42 9.02
CA ARG D 322 -22.76 7.21 9.73
C ARG D 322 -23.46 5.96 9.19
N PHE D 323 -24.68 6.10 8.70
CA PHE D 323 -25.41 4.97 8.12
C PHE D 323 -24.74 4.56 6.80
N SER D 324 -24.67 5.50 5.86
CA SER D 324 -24.07 5.20 4.56
C SER D 324 -22.72 4.54 4.77
N ASP D 325 -22.03 4.89 5.84
CA ASP D 325 -20.75 4.26 6.15
C ASP D 325 -20.91 2.80 6.56
N ILE D 326 -21.69 2.54 7.61
CA ILE D 326 -22.00 1.18 8.02
C ILE D 326 -22.34 0.30 6.83
N ILE D 327 -22.93 0.92 5.82
CA ILE D 327 -23.23 0.22 4.59
C ILE D 327 -21.94 -0.01 3.80
N SER D 328 -21.26 1.08 3.45
CA SER D 328 -19.98 1.05 2.75
C SER D 328 -19.11 -0.01 3.44
N GLU D 329 -19.20 -0.04 4.75
CA GLU D 329 -18.40 -0.90 5.58
C GLU D 329 -18.87 -2.33 5.50
N LEU D 330 -20.17 -2.50 5.30
CA LEU D 330 -20.75 -3.82 5.12
C LEU D 330 -20.32 -4.39 3.80
N ASP D 331 -19.94 -3.50 2.90
CA ASP D 331 -19.52 -3.91 1.57
C ASP D 331 -18.07 -4.37 1.64
N MET D 332 -17.28 -3.72 2.49
CA MET D 332 -15.91 -4.17 2.73
C MET D 332 -15.93 -5.54 3.38
N PHE D 333 -17.08 -5.90 3.94
CA PHE D 333 -17.24 -7.16 4.66
C PHE D 333 -17.61 -8.30 3.74
N GLY D 334 -18.13 -7.95 2.57
CA GLY D 334 -18.57 -8.94 1.61
C GLY D 334 -19.96 -9.44 1.90
N ILE D 335 -20.74 -8.63 2.59
CA ILE D 335 -22.11 -8.99 2.91
C ILE D 335 -23.09 -8.39 1.91
N VAL D 336 -22.81 -7.14 1.54
CA VAL D 336 -23.61 -6.42 0.56
C VAL D 336 -22.70 -5.95 -0.55
N LYS D 337 -23.30 -5.39 -1.60
CA LYS D 337 -22.53 -4.85 -2.71
C LYS D 337 -23.12 -3.51 -3.11
N ILE D 338 -22.30 -2.47 -3.00
CA ILE D 338 -22.74 -1.14 -3.32
C ILE D 338 -22.77 -0.93 -4.83
N ARG D 339 -23.84 -0.35 -5.33
CA ARG D 339 -23.88 0.16 -6.70
C ARG D 339 -23.86 1.67 -6.55
N ILE D 340 -23.55 2.38 -7.62
CA ILE D 340 -23.65 3.84 -7.58
C ILE D 340 -23.99 4.34 -8.97
N ILE D 341 -25.25 4.68 -9.15
CA ILE D 341 -25.78 5.01 -10.46
C ILE D 341 -25.75 6.50 -10.73
N ASN D 342 -25.09 6.92 -11.80
CA ASN D 342 -24.95 8.34 -12.11
C ASN D 342 -25.78 8.72 -13.31
N ARG D 343 -26.57 9.80 -13.18
CA ARG D 343 -27.47 10.23 -14.26
C ARG D 343 -27.41 11.74 -14.50
N GLY D 344 -26.53 12.15 -15.39
CA GLY D 344 -26.25 13.56 -15.63
C GLY D 344 -27.38 14.55 -15.40
N ARG D 345 -27.98 15.01 -16.48
CA ARG D 345 -29.00 16.05 -16.36
C ARG D 345 -30.24 15.48 -15.72
N ALA D 346 -30.30 14.15 -15.61
CA ALA D 346 -31.45 13.46 -15.04
C ALA D 346 -31.34 13.19 -13.53
N GLY D 347 -30.61 14.05 -12.82
CA GLY D 347 -30.44 13.94 -11.38
C GLY D 347 -29.93 12.62 -10.84
N GLY D 348 -28.65 12.35 -11.04
CA GLY D 348 -28.11 11.04 -10.75
C GLY D 348 -27.56 10.90 -9.34
N VAL D 349 -26.49 10.13 -9.20
CA VAL D 349 -25.80 9.92 -7.94
C VAL D 349 -26.69 9.39 -6.81
N LYS D 350 -26.98 8.09 -6.87
CA LYS D 350 -27.64 7.43 -5.77
C LYS D 350 -26.84 6.20 -5.37
N LYS D 351 -26.66 6.05 -4.08
CA LYS D 351 -25.97 4.90 -3.52
C LYS D 351 -26.97 3.75 -3.37
N TYR D 352 -26.59 2.54 -3.79
CA TYR D 352 -27.46 1.38 -3.59
C TYR D 352 -26.71 0.23 -2.95
N ALA D 353 -27.44 -0.75 -2.44
CA ALA D 353 -26.82 -1.92 -1.81
C ALA D 353 -27.60 -3.22 -2.04
N LEU D 354 -26.90 -4.25 -2.48
CA LEU D 354 -27.53 -5.55 -2.69
C LEU D 354 -27.16 -6.49 -1.56
N VAL D 355 -28.15 -7.15 -0.96
CA VAL D 355 -27.85 -8.18 0.03
C VAL D 355 -27.54 -9.46 -0.71
N GLU D 356 -26.32 -9.98 -0.51
CA GLU D 356 -25.83 -11.11 -1.30
C GLU D 356 -26.91 -12.16 -1.51
N ASP D 357 -27.36 -12.84 -0.45
CA ASP D 357 -28.37 -13.86 -0.66
C ASP D 357 -29.79 -13.38 -0.35
N LYS D 358 -29.90 -12.30 0.41
CA LYS D 358 -31.20 -11.75 0.81
C LYS D 358 -32.01 -12.75 1.61
N GLU D 359 -32.19 -13.93 1.03
CA GLU D 359 -33.04 -14.96 1.60
C GLU D 359 -32.32 -15.74 2.69
N LYS D 360 -31.08 -16.12 2.43
CA LYS D 360 -30.30 -16.79 3.46
C LYS D 360 -30.11 -15.85 4.64
N VAL D 361 -29.59 -14.66 4.37
CA VAL D 361 -29.26 -13.68 5.41
C VAL D 361 -30.45 -13.40 6.34
N LEU D 362 -31.61 -13.18 5.74
CA LEU D 362 -32.81 -12.94 6.53
C LEU D 362 -33.05 -14.08 7.50
N ARG D 363 -33.00 -15.32 7.01
CA ARG D 363 -33.20 -16.47 7.88
C ARG D 363 -32.27 -16.38 9.08
N ALA D 364 -31.01 -16.09 8.82
CA ALA D 364 -30.00 -16.01 9.87
C ALA D 364 -30.26 -14.84 10.81
N LEU D 365 -30.70 -13.72 10.26
CA LEU D 365 -31.04 -12.56 11.07
C LEU D 365 -32.20 -12.88 11.99
N ASN D 366 -33.27 -13.44 11.43
CA ASN D 366 -34.40 -13.83 12.26
C ASN D 366 -33.93 -14.74 13.37
N GLU D 367 -33.34 -15.87 12.98
CA GLU D 367 -32.81 -16.84 13.94
C GLU D 367 -32.01 -16.18 15.07
N THR D 368 -31.18 -15.18 14.73
CA THR D 368 -30.29 -14.58 15.72
C THR D 368 -31.04 -13.74 16.73
N PHE D 369 -31.98 -12.96 16.25
CA PHE D 369 -32.79 -12.13 17.12
C PHE D 369 -33.61 -13.04 18.05
N GLU D 370 -34.12 -14.13 17.51
CA GLU D 370 -35.02 -15.00 18.27
C GLU D 370 -34.33 -15.77 19.39
N ASP D 371 -33.13 -16.26 19.13
CA ASP D 371 -32.42 -17.07 20.11
C ASP D 371 -31.97 -16.21 21.28
N SER D 372 -31.72 -14.95 20.98
CA SER D 372 -31.40 -13.96 21.99
C SER D 372 -32.66 -13.48 22.65
N ILE D 373 -33.55 -14.42 22.98
CA ILE D 373 -34.68 -14.21 23.90
C ILE D 373 -35.19 -15.56 24.42
N SER D 374 -34.45 -16.15 25.35
CA SER D 374 -34.91 -17.33 26.11
C SER D 374 -33.78 -17.95 26.91
#